data_6TA8
#
_entry.id   6TA8
#
_cell.length_a   120.661
_cell.length_b   120.661
_cell.length_c   256.002
_cell.angle_alpha   90.000
_cell.angle_beta   90.000
_cell.angle_gamma   120.000
#
_symmetry.space_group_name_H-M   'H 3'
#
loop_
_entity.id
_entity.type
_entity.pdbx_description
1 polymer 'Tyrocidine synthase 2'
2 water water
#
_entity_poly.entity_id   1
_entity_poly.type   'polypeptide(L)'
_entity_poly.pdbx_seq_one_letter_code
;MGSSHHHHHHSSGLVPRGSHMNSRESEQGVVEGEIALTPIQKWFFANNFTDRHHWNQAVMLFREDGFDEGLVRQAFQQIV
EHHDALRMVYKQEDGAIKQINRGLTDERFRFYSYDLKNHANSEARILELSDQIQSSIDLEHGPLVHVALFATKDGDHLLV
AIHHLVVDGVSWRILFEDFSSAYSQALHQQEIVLPKKTDSFKDWAAQLQKYADSDELLREVAYWHNLETTTTTAALPTDF
VTADRKQKHTRTLSFALTVPQTENLLRHVHHAYHTEMNDLLLTALGLAVKDWAHTNGVVINLEGHGREDIQNEMNVTRTI
GWFTSQYPVVLDMEKAEDLPYQIKQTKENLRRIPKKGIGYEILRTLTTSQLQPPLAFTLRPEISFNYLGQFESDGKTGGF
TFSPLGTGQLFSPESERVFLLDISAMIEDGELRISVGYSRLQYEEKTIASLADSYRKHLLGIIEHCMAKEEGEYTPSDLG
DEELSMEELENILEWI
;
_entity_poly.pdbx_strand_id   A,B
#
# COMPACT_ATOMS: atom_id res chain seq x y z
N SER A 26 -4.82 16.03 19.80
CA SER A 26 -4.77 15.22 21.01
C SER A 26 -5.07 16.06 22.25
N GLU A 27 -6.15 15.71 22.95
CA GLU A 27 -6.54 16.45 24.14
C GLU A 27 -5.60 16.14 25.30
N GLN A 28 -5.47 17.11 26.20
CA GLN A 28 -4.56 17.00 27.34
C GLN A 28 -5.30 16.83 28.66
N GLY A 29 -6.62 16.69 28.63
CA GLY A 29 -7.41 16.51 29.83
C GLY A 29 -7.39 15.08 30.32
N VAL A 30 -8.35 14.77 31.19
CA VAL A 30 -8.49 13.43 31.76
C VAL A 30 -9.61 12.72 30.99
N VAL A 31 -9.27 11.58 30.39
CA VAL A 31 -10.20 10.84 29.55
C VAL A 31 -10.99 9.88 30.42
N GLU A 32 -12.31 9.85 30.22
CA GLU A 32 -13.20 8.96 30.95
C GLU A 32 -14.22 8.35 30.00
N GLY A 33 -14.87 7.30 30.47
CA GLY A 33 -15.97 6.68 29.74
C GLY A 33 -15.60 5.31 29.19
N GLU A 34 -16.58 4.71 28.53
CA GLU A 34 -16.41 3.38 27.96
C GLU A 34 -15.53 3.43 26.72
N ILE A 35 -14.69 2.40 26.56
CA ILE A 35 -13.88 2.22 25.36
C ILE A 35 -14.24 0.88 24.74
N ALA A 36 -14.12 0.81 23.41
CA ALA A 36 -14.36 -0.44 22.70
C ALA A 36 -13.16 -1.36 22.80
N LEU A 37 -13.42 -2.66 22.76
CA LEU A 37 -12.37 -3.66 22.88
C LEU A 37 -11.59 -3.76 21.57
N THR A 38 -10.27 -3.59 21.65
CA THR A 38 -9.42 -3.75 20.49
C THR A 38 -9.30 -5.23 20.13
N PRO A 39 -8.85 -5.54 18.90
CA PRO A 39 -8.75 -6.97 18.52
C PRO A 39 -7.89 -7.80 19.47
N ILE A 40 -6.75 -7.27 19.93
CA ILE A 40 -5.92 -8.03 20.85
C ILE A 40 -6.58 -8.15 22.20
N GLN A 41 -7.46 -7.20 22.55
CA GLN A 41 -8.23 -7.32 23.79
C GLN A 41 -9.35 -8.34 23.64
N LYS A 42 -10.01 -8.36 22.47
CA LYS A 42 -11.03 -9.37 22.21
C LYS A 42 -10.43 -10.77 22.19
N TRP A 43 -9.23 -10.89 21.63
CA TRP A 43 -8.56 -12.20 21.59
C TRP A 43 -8.25 -12.72 22.99
N PHE A 44 -7.97 -11.82 23.93
CA PHE A 44 -7.67 -12.24 25.30
C PHE A 44 -8.90 -12.84 25.98
N PHE A 45 -10.07 -12.21 25.80
CA PHE A 45 -11.28 -12.70 26.44
C PHE A 45 -11.85 -13.92 25.75
N ALA A 46 -11.70 -14.01 24.42
CA ALA A 46 -12.19 -15.18 23.69
C ALA A 46 -11.45 -16.45 24.08
N ASN A 47 -10.22 -16.32 24.61
CA ASN A 47 -9.50 -17.50 25.05
C ASN A 47 -10.09 -18.09 26.32
N ASN A 48 -10.77 -17.26 27.12
CA ASN A 48 -11.39 -17.69 28.39
C ASN A 48 -10.34 -18.33 29.31
N PHE A 49 -9.34 -17.52 29.66
CA PHE A 49 -8.28 -17.98 30.53
C PHE A 49 -8.80 -18.24 31.94
N THR A 50 -8.17 -19.20 32.61
CA THR A 50 -8.44 -19.40 34.03
C THR A 50 -7.62 -18.40 34.84
N ASP A 51 -8.28 -17.74 35.79
CA ASP A 51 -7.67 -16.64 36.55
C ASP A 51 -7.12 -15.58 35.60
N ARG A 52 -7.99 -15.10 34.70
CA ARG A 52 -7.58 -14.11 33.71
C ARG A 52 -7.09 -12.80 34.33
N HIS A 53 -7.31 -12.61 35.63
CA HIS A 53 -6.73 -11.45 36.32
C HIS A 53 -5.23 -11.62 36.56
N HIS A 54 -4.71 -12.82 36.41
CA HIS A 54 -3.28 -13.11 36.57
C HIS A 54 -2.72 -13.39 35.18
N TRP A 55 -2.30 -12.32 34.50
CA TRP A 55 -1.82 -12.39 33.12
C TRP A 55 -1.15 -11.07 32.79
N ASN A 56 -0.01 -10.80 33.41
CA ASN A 56 0.57 -9.47 33.47
C ASN A 56 1.93 -9.41 32.76
N GLN A 57 2.49 -8.21 32.75
CA GLN A 57 3.89 -7.97 32.41
C GLN A 57 4.48 -7.13 33.54
N ALA A 58 5.72 -7.41 33.90
CA ALA A 58 6.32 -6.74 35.05
C ALA A 58 7.82 -6.57 34.83
N VAL A 59 8.37 -5.54 35.49
CA VAL A 59 9.80 -5.27 35.50
C VAL A 59 10.23 -5.04 36.94
N MET A 60 11.46 -5.41 37.25
CA MET A 60 12.04 -5.22 38.57
C MET A 60 13.22 -4.26 38.45
N LEU A 61 13.10 -3.10 39.09
CA LEU A 61 14.13 -2.07 39.05
C LEU A 61 14.97 -2.11 40.31
N PHE A 62 16.11 -1.42 40.26
CA PHE A 62 17.06 -1.41 41.36
C PHE A 62 17.71 -0.04 41.45
N ARG A 63 18.06 0.36 42.67
CA ARG A 63 18.77 1.61 42.91
C ARG A 63 19.67 1.40 44.12
N GLU A 64 20.99 1.51 43.92
CA GLU A 64 21.93 1.19 44.98
C GLU A 64 21.76 2.10 46.19
N ASP A 65 21.54 3.40 45.97
CA ASP A 65 21.28 4.32 47.06
C ASP A 65 19.85 4.26 47.57
N GLY A 66 19.02 3.42 46.97
CA GLY A 66 17.67 3.21 47.45
C GLY A 66 16.66 4.21 46.90
N PHE A 67 15.40 3.82 46.96
CA PHE A 67 14.29 4.67 46.58
C PHE A 67 13.66 5.31 47.81
N ASP A 68 12.98 6.44 47.60
CA ASP A 68 12.16 7.07 48.62
C ASP A 68 10.71 6.83 48.26
N GLU A 69 9.98 6.14 49.14
CA GLU A 69 8.61 5.74 48.82
C GLU A 69 7.71 6.95 48.59
N GLY A 70 7.94 8.03 49.34
CA GLY A 70 7.16 9.24 49.12
C GLY A 70 7.36 9.83 47.74
N LEU A 71 8.52 9.62 47.14
CA LEU A 71 8.80 10.04 45.77
C LEU A 71 8.31 9.03 44.74
N VAL A 72 8.40 7.74 45.04
CA VAL A 72 7.86 6.72 44.14
C VAL A 72 6.35 6.86 44.03
N ARG A 73 5.67 7.11 45.14
CA ARG A 73 4.23 7.32 45.11
C ARG A 73 3.88 8.59 44.34
N GLN A 74 4.62 9.68 44.59
CA GLN A 74 4.36 10.93 43.88
C GLN A 74 4.59 10.78 42.38
N ALA A 75 5.57 9.95 41.99
CA ALA A 75 5.82 9.72 40.57
C ALA A 75 4.68 8.93 39.94
N PHE A 76 4.26 7.85 40.59
CA PHE A 76 3.21 7.00 40.03
C PHE A 76 1.84 7.69 40.10
N GLN A 77 1.61 8.54 41.11
CA GLN A 77 0.38 9.32 41.14
C GLN A 77 0.26 10.21 39.91
N GLN A 78 1.39 10.69 39.38
CA GLN A 78 1.36 11.51 38.17
C GLN A 78 1.35 10.65 36.91
N ILE A 79 2.00 9.48 36.94
CA ILE A 79 2.04 8.61 35.78
C ILE A 79 0.66 8.09 35.45
N VAL A 80 -0.05 7.56 36.45
CA VAL A 80 -1.37 6.99 36.22
C VAL A 80 -2.38 8.09 35.86
N GLU A 81 -2.18 9.30 36.35
CA GLU A 81 -3.02 10.42 35.93
C GLU A 81 -2.71 10.84 34.49
N HIS A 82 -1.43 10.80 34.11
CA HIS A 82 -1.06 11.21 32.76
C HIS A 82 -1.51 10.19 31.72
N HIS A 83 -1.14 8.92 31.91
CA HIS A 83 -1.51 7.85 30.99
C HIS A 83 -2.84 7.28 31.42
N ASP A 84 -3.92 7.70 30.76
CA ASP A 84 -5.27 7.37 31.20
C ASP A 84 -5.59 5.89 31.07
N ALA A 85 -4.90 5.16 30.20
CA ALA A 85 -5.20 3.74 30.02
C ALA A 85 -4.90 2.92 31.26
N LEU A 86 -4.01 3.40 32.14
CA LEU A 86 -3.67 2.67 33.36
C LEU A 86 -4.77 2.74 34.42
N ARG A 87 -5.81 3.54 34.20
CA ARG A 87 -6.96 3.63 35.10
C ARG A 87 -8.14 2.79 34.62
N MET A 88 -7.87 1.74 33.84
CA MET A 88 -8.92 0.96 33.21
C MET A 88 -9.43 -0.14 34.15
N VAL A 89 -10.71 -0.44 34.02
CA VAL A 89 -11.34 -1.57 34.71
C VAL A 89 -12.24 -2.28 33.71
N TYR A 90 -12.51 -3.55 33.98
CA TYR A 90 -13.26 -4.41 33.06
C TYR A 90 -14.42 -5.05 33.81
N LYS A 91 -15.64 -4.84 33.32
CA LYS A 91 -16.83 -5.36 33.96
C LYS A 91 -17.50 -6.41 33.06
N GLN A 92 -18.07 -7.43 33.70
CA GLN A 92 -18.71 -8.52 32.97
C GLN A 92 -20.23 -8.46 33.12
N GLU A 93 -20.85 -7.42 32.59
CA GLU A 93 -22.30 -7.24 32.72
C GLU A 93 -23.02 -7.97 31.60
N ASP A 94 -24.05 -8.73 31.97
CA ASP A 94 -24.88 -9.48 31.02
C ASP A 94 -24.07 -10.46 30.19
N GLY A 95 -22.95 -10.94 30.75
CA GLY A 95 -22.06 -11.85 30.06
C GLY A 95 -21.03 -11.17 29.19
N ALA A 96 -21.38 -10.05 28.57
CA ALA A 96 -20.43 -9.30 27.76
C ALA A 96 -19.45 -8.54 28.64
N ILE A 97 -18.32 -8.15 28.06
CA ILE A 97 -17.26 -7.45 28.77
C ILE A 97 -17.28 -5.99 28.37
N LYS A 98 -17.17 -5.11 29.37
CA LYS A 98 -17.21 -3.67 29.16
C LYS A 98 -16.03 -3.05 29.88
N GLN A 99 -15.13 -2.41 29.13
CA GLN A 99 -13.99 -1.73 29.70
C GLN A 99 -14.28 -0.23 29.79
N ILE A 100 -14.05 0.35 30.96
CA ILE A 100 -14.30 1.77 31.21
C ILE A 100 -13.00 2.41 31.67
N ASN A 101 -12.63 3.51 31.03
CA ASN A 101 -11.50 4.32 31.48
C ASN A 101 -11.99 5.21 32.61
N ARG A 102 -11.62 4.89 33.84
CA ARG A 102 -12.07 5.67 34.98
C ARG A 102 -11.31 6.99 35.05
N GLY A 103 -11.88 7.93 35.79
CA GLY A 103 -11.28 9.23 36.02
C GLY A 103 -10.30 9.22 37.16
N LEU A 104 -10.11 10.38 37.78
CA LEU A 104 -9.22 10.55 38.92
C LEU A 104 -9.96 10.44 40.25
N THR A 105 -10.95 9.55 40.33
CA THR A 105 -11.77 9.41 41.52
C THR A 105 -11.36 8.23 42.41
N ASP A 106 -10.90 7.13 41.81
CA ASP A 106 -10.52 5.95 42.55
C ASP A 106 -9.01 5.94 42.79
N GLU A 107 -8.53 4.87 43.42
CA GLU A 107 -7.10 4.72 43.65
C GLU A 107 -6.38 4.47 42.33
N ARG A 108 -5.23 5.11 42.18
CA ARG A 108 -4.49 5.06 40.92
C ARG A 108 -3.52 3.89 40.84
N PHE A 109 -3.08 3.35 41.97
CA PHE A 109 -2.19 2.20 41.98
C PHE A 109 -2.14 1.61 43.38
N ARG A 110 -1.76 0.34 43.45
CA ARG A 110 -1.61 -0.37 44.71
C ARG A 110 -0.13 -0.45 45.07
N PHE A 111 0.21 -0.01 46.29
CA PHE A 111 1.58 0.10 46.73
C PHE A 111 1.89 -0.94 47.79
N TYR A 112 3.12 -1.47 47.74
CA TYR A 112 3.62 -2.44 48.71
C TYR A 112 4.98 -1.98 49.19
N SER A 113 5.19 -2.02 50.51
CA SER A 113 6.42 -1.58 51.13
C SER A 113 6.93 -2.65 52.06
N TYR A 114 8.14 -3.15 51.82
CA TYR A 114 8.76 -4.19 52.63
C TYR A 114 10.14 -3.75 53.07
N ASP A 115 10.44 -3.96 54.35
CA ASP A 115 11.72 -3.59 54.94
C ASP A 115 12.48 -4.88 55.25
N LEU A 116 13.23 -5.36 54.25
CA LEU A 116 13.99 -6.60 54.37
C LEU A 116 15.48 -6.32 54.58
N LYS A 117 15.82 -5.21 55.23
CA LYS A 117 17.23 -4.86 55.43
C LYS A 117 17.92 -5.77 56.43
N ASN A 118 17.17 -6.48 57.27
CA ASN A 118 17.74 -7.37 58.27
C ASN A 118 17.47 -8.84 58.00
N HIS A 119 16.73 -9.17 56.94
CA HIS A 119 16.33 -10.54 56.69
C HIS A 119 17.51 -11.37 56.20
N ALA A 120 17.34 -12.69 56.23
CA ALA A 120 18.38 -13.62 55.81
C ALA A 120 18.46 -13.73 54.30
N ASN A 121 17.56 -14.52 53.70
CA ASN A 121 17.54 -14.70 52.25
C ASN A 121 16.68 -13.60 51.63
N SER A 122 17.30 -12.76 50.80
CA SER A 122 16.56 -11.71 50.11
C SER A 122 15.83 -12.25 48.88
N GLU A 123 16.49 -13.13 48.12
CA GLU A 123 15.92 -13.59 46.85
C GLU A 123 14.69 -14.46 47.08
N ALA A 124 14.79 -15.42 48.00
CA ALA A 124 13.66 -16.32 48.24
C ALA A 124 12.49 -15.59 48.88
N ARG A 125 12.75 -14.53 49.64
CA ARG A 125 11.68 -13.77 50.26
C ARG A 125 11.07 -12.77 49.28
N ILE A 126 11.89 -12.17 48.42
CA ILE A 126 11.37 -11.23 47.44
C ILE A 126 10.58 -11.96 46.37
N LEU A 127 11.08 -13.09 45.89
CA LEU A 127 10.36 -13.86 44.87
C LEU A 127 9.02 -14.37 45.42
N GLU A 128 8.99 -14.77 46.68
CA GLU A 128 7.75 -15.25 47.28
C GLU A 128 6.73 -14.12 47.40
N LEU A 129 7.17 -12.94 47.83
CA LEU A 129 6.25 -11.80 47.92
C LEU A 129 5.87 -11.29 46.54
N SER A 130 6.76 -11.41 45.56
CA SER A 130 6.44 -10.93 44.21
C SER A 130 5.31 -11.73 43.60
N ASP A 131 5.34 -13.06 43.74
CA ASP A 131 4.29 -13.90 43.15
C ASP A 131 2.92 -13.58 43.73
N GLN A 132 2.86 -13.32 45.04
CA GLN A 132 1.59 -12.98 45.66
C GLN A 132 1.04 -11.66 45.12
N ILE A 133 1.92 -10.70 44.85
CA ILE A 133 1.49 -9.43 44.27
C ILE A 133 1.10 -9.60 42.81
N GLN A 134 1.74 -10.55 42.11
CA GLN A 134 1.40 -10.79 40.71
C GLN A 134 0.00 -11.36 40.56
N SER A 135 -0.49 -12.09 41.56
CA SER A 135 -1.76 -12.80 41.47
C SER A 135 -2.90 -12.09 42.19
N SER A 136 -2.70 -10.84 42.60
CA SER A 136 -3.68 -10.09 43.37
C SER A 136 -4.18 -8.87 42.61
N ILE A 137 -4.34 -8.99 41.31
CA ILE A 137 -4.84 -7.90 40.48
C ILE A 137 -6.35 -8.05 40.34
N ASP A 138 -7.08 -6.98 40.70
CA ASP A 138 -8.52 -6.95 40.56
C ASP A 138 -8.89 -6.31 39.22
N LEU A 139 -9.51 -7.10 38.34
CA LEU A 139 -9.82 -6.60 37.00
C LEU A 139 -11.10 -5.78 36.96
N GLU A 140 -12.07 -6.08 37.83
CA GLU A 140 -13.35 -5.39 37.77
C GLU A 140 -13.32 -4.04 38.48
N HIS A 141 -12.57 -3.93 39.58
CA HIS A 141 -12.54 -2.70 40.35
C HIS A 141 -11.18 -2.00 40.31
N GLY A 142 -10.14 -2.66 39.82
CA GLY A 142 -8.83 -2.08 39.76
C GLY A 142 -8.19 -1.96 41.13
N PRO A 143 -7.00 -1.36 41.21
CA PRO A 143 -6.26 -0.84 40.04
C PRO A 143 -5.41 -1.92 39.36
N LEU A 144 -5.06 -1.68 38.10
CA LEU A 144 -4.28 -2.64 37.34
C LEU A 144 -2.77 -2.48 37.52
N VAL A 145 -2.34 -1.47 38.28
CA VAL A 145 -0.92 -1.20 38.49
C VAL A 145 -0.58 -1.54 39.95
N HIS A 146 0.39 -2.42 40.13
CA HIS A 146 0.89 -2.80 41.45
C HIS A 146 2.36 -2.43 41.54
N VAL A 147 2.71 -1.62 42.54
CA VAL A 147 4.08 -1.18 42.76
C VAL A 147 4.54 -1.72 44.11
N ALA A 148 5.69 -2.39 44.11
CA ALA A 148 6.24 -3.00 45.32
C ALA A 148 7.68 -2.56 45.50
N LEU A 149 8.00 -2.09 46.70
CA LEU A 149 9.35 -1.63 47.04
C LEU A 149 9.94 -2.59 48.07
N PHE A 150 11.06 -3.22 47.71
CA PHE A 150 11.76 -4.16 48.58
C PHE A 150 13.08 -3.54 48.98
N ALA A 151 13.18 -3.11 50.24
CA ALA A 151 14.39 -2.49 50.77
C ALA A 151 15.24 -3.54 51.46
N THR A 152 16.44 -3.76 50.93
CA THR A 152 17.41 -4.70 51.50
C THR A 152 18.67 -3.95 51.91
N LYS A 153 19.66 -4.70 52.40
CA LYS A 153 20.91 -4.09 52.84
C LYS A 153 21.78 -3.65 51.68
N ASP A 154 21.54 -4.15 50.47
CA ASP A 154 22.34 -3.83 49.30
C ASP A 154 21.57 -2.99 48.29
N GLY A 155 20.66 -2.15 48.75
CA GLY A 155 19.88 -1.28 47.89
C GLY A 155 18.39 -1.55 48.03
N ASP A 156 17.63 -0.97 47.11
CA ASP A 156 16.18 -1.09 47.10
C ASP A 156 15.73 -1.65 45.75
N HIS A 157 14.85 -2.64 45.79
CA HIS A 157 14.28 -3.24 44.59
C HIS A 157 12.85 -2.75 44.43
N LEU A 158 12.49 -2.36 43.20
CA LEU A 158 11.17 -1.81 42.90
C LEU A 158 10.51 -2.68 41.84
N LEU A 159 9.42 -3.34 42.21
CA LEU A 159 8.66 -4.17 41.29
C LEU A 159 7.45 -3.39 40.79
N VAL A 160 7.23 -3.44 39.47
CA VAL A 160 6.11 -2.75 38.83
C VAL A 160 5.40 -3.78 37.96
N ALA A 161 4.27 -4.29 38.44
CA ALA A 161 3.49 -5.29 37.72
C ALA A 161 2.19 -4.67 37.24
N ILE A 162 1.91 -4.81 35.94
CA ILE A 162 0.71 -4.27 35.32
C ILE A 162 0.06 -5.35 34.48
N HIS A 163 -1.27 -5.44 34.57
CA HIS A 163 -2.00 -6.39 33.74
C HIS A 163 -1.76 -6.11 32.26
N HIS A 164 -1.62 -7.17 31.48
CA HIS A 164 -1.25 -7.05 30.08
C HIS A 164 -2.32 -6.37 29.23
N LEU A 165 -3.51 -6.13 29.78
CA LEU A 165 -4.60 -5.55 29.00
C LEU A 165 -4.42 -4.08 28.71
N VAL A 166 -3.42 -3.42 29.30
CA VAL A 166 -3.27 -1.97 29.16
C VAL A 166 -1.82 -1.58 28.89
N VAL A 167 -0.96 -2.56 28.62
CA VAL A 167 0.45 -2.30 28.39
C VAL A 167 0.99 -3.28 27.36
N ASP A 168 2.06 -2.86 26.68
CA ASP A 168 2.80 -3.74 25.78
C ASP A 168 4.27 -3.32 25.83
N GLY A 169 5.07 -3.86 24.91
CA GLY A 169 6.50 -3.61 24.95
C GLY A 169 6.86 -2.15 24.81
N VAL A 170 6.25 -1.47 23.82
CA VAL A 170 6.54 -0.06 23.61
C VAL A 170 6.05 0.78 24.79
N SER A 171 4.91 0.40 25.38
CA SER A 171 4.40 1.13 26.53
C SER A 171 5.36 1.10 27.71
N TRP A 172 6.13 0.00 27.86
CA TRP A 172 7.09 -0.07 28.94
C TRP A 172 8.25 0.89 28.75
N ARG A 173 8.64 1.14 27.50
CA ARG A 173 9.70 2.11 27.24
C ARG A 173 9.23 3.52 27.60
N ILE A 174 7.96 3.84 27.34
CA ILE A 174 7.42 5.13 27.77
C ILE A 174 7.38 5.20 29.29
N LEU A 175 7.13 4.07 29.96
CA LEU A 175 7.13 4.06 31.42
C LEU A 175 8.52 4.33 31.98
N PHE A 176 9.53 3.67 31.42
CA PHE A 176 10.90 3.87 31.89
C PHE A 176 11.34 5.32 31.70
N GLU A 177 10.89 5.96 30.62
CA GLU A 177 11.23 7.35 30.38
C GLU A 177 10.52 8.27 31.36
N ASP A 178 9.20 8.11 31.50
CA ASP A 178 8.41 9.04 32.30
C ASP A 178 8.70 8.86 33.79
N PHE A 179 8.90 7.62 34.25
CA PHE A 179 9.19 7.41 35.66
C PHE A 179 10.57 7.93 36.03
N SER A 180 11.56 7.72 35.15
CA SER A 180 12.88 8.26 35.41
C SER A 180 12.88 9.78 35.41
N SER A 181 11.99 10.40 34.63
CA SER A 181 11.86 11.85 34.63
C SER A 181 11.04 12.33 35.81
N ALA A 182 9.94 11.62 36.12
CA ALA A 182 9.12 12.01 37.26
C ALA A 182 9.88 11.89 38.57
N TYR A 183 10.66 10.81 38.72
CA TYR A 183 11.44 10.64 39.95
C TYR A 183 12.57 11.66 40.03
N SER A 184 13.06 12.15 38.89
CA SER A 184 14.11 13.16 38.91
C SER A 184 13.54 14.51 39.32
N GLN A 185 12.40 14.89 38.76
CA GLN A 185 11.76 16.15 39.14
C GLN A 185 11.30 16.13 40.58
N ALA A 186 10.96 14.96 41.12
CA ALA A 186 10.47 14.88 42.49
C ALA A 186 11.57 15.13 43.50
N LEU A 187 12.75 14.55 43.29
CA LEU A 187 13.85 14.74 44.24
C LEU A 187 14.41 16.15 44.17
N HIS A 188 14.28 16.81 43.02
CA HIS A 188 14.64 18.21 42.89
C HIS A 188 13.56 19.14 43.44
N GLN A 189 12.51 18.59 44.03
CA GLN A 189 11.40 19.36 44.60
C GLN A 189 10.71 20.20 43.54
N GLN A 190 10.54 19.63 42.35
CA GLN A 190 9.77 20.25 41.28
C GLN A 190 8.41 19.58 41.17
N GLU A 191 7.43 20.35 40.68
CA GLU A 191 6.14 19.75 40.34
C GLU A 191 6.30 18.92 39.07
N ILE A 192 5.85 17.67 39.13
CA ILE A 192 6.12 16.71 38.06
C ILE A 192 5.41 17.16 36.78
N VAL A 193 6.18 17.40 35.73
CA VAL A 193 5.66 17.81 34.43
C VAL A 193 6.15 16.81 33.41
N LEU A 194 5.22 16.04 32.85
CA LEU A 194 5.50 15.04 31.83
C LEU A 194 5.19 15.59 30.45
N PRO A 195 5.78 15.01 29.40
CA PRO A 195 5.52 15.52 28.04
C PRO A 195 4.05 15.50 27.68
N LYS A 196 3.72 16.23 26.62
CA LYS A 196 2.34 16.38 26.19
C LYS A 196 1.74 15.03 25.83
N LYS A 197 0.44 14.88 26.11
CA LYS A 197 -0.26 13.64 25.80
C LYS A 197 -0.45 13.49 24.30
N THR A 198 -0.23 12.26 23.81
CA THR A 198 -0.57 11.92 22.45
C THR A 198 -2.04 11.48 22.42
N ASP A 199 -2.44 10.76 21.37
CA ASP A 199 -3.83 10.34 21.26
C ASP A 199 -4.15 9.30 22.33
N SER A 200 -5.28 9.49 23.00
CA SER A 200 -5.69 8.58 24.06
C SER A 200 -6.03 7.21 23.48
N PHE A 201 -5.98 6.19 24.34
CA PHE A 201 -6.39 4.85 23.94
C PHE A 201 -7.87 4.79 23.60
N LYS A 202 -8.68 5.68 24.17
CA LYS A 202 -10.09 5.75 23.79
C LYS A 202 -10.25 6.26 22.37
N ASP A 203 -9.43 7.24 21.97
CA ASP A 203 -9.50 7.76 20.61
C ASP A 203 -8.96 6.75 19.60
N TRP A 204 -7.95 5.98 19.98
CA TRP A 204 -7.39 4.97 19.07
C TRP A 204 -8.42 3.87 18.78
N ALA A 205 -9.07 3.35 19.83
CA ALA A 205 -10.06 2.31 19.63
C ALA A 205 -11.28 2.83 18.89
N ALA A 206 -11.63 4.12 19.09
CA ALA A 206 -12.73 4.70 18.34
C ALA A 206 -12.37 4.84 16.86
N GLN A 207 -11.15 5.28 16.57
CA GLN A 207 -10.71 5.37 15.18
C GLN A 207 -10.46 3.99 14.59
N LEU A 208 -10.16 3.00 15.43
CA LEU A 208 -9.90 1.65 14.93
C LEU A 208 -11.15 1.03 14.33
N GLN A 209 -12.34 1.37 14.84
CA GLN A 209 -13.56 0.84 14.28
C GLN A 209 -13.90 1.51 12.95
N LYS A 210 -13.63 2.82 12.83
CA LYS A 210 -13.84 3.50 11.57
C LYS A 210 -12.90 2.96 10.49
N TYR A 211 -11.62 2.77 10.83
CA TYR A 211 -10.70 2.17 9.89
C TYR A 211 -11.06 0.71 9.59
N ALA A 212 -11.73 0.05 10.54
CA ALA A 212 -12.18 -1.32 10.31
C ALA A 212 -13.20 -1.40 9.19
N ASP A 213 -14.12 -0.43 9.13
CA ASP A 213 -15.15 -0.38 8.11
C ASP A 213 -14.76 0.50 6.94
N SER A 214 -13.53 0.99 6.90
CA SER A 214 -13.05 1.74 5.76
C SER A 214 -12.82 0.82 4.57
N ASP A 215 -12.53 1.43 3.42
CA ASP A 215 -12.31 0.67 2.19
C ASP A 215 -10.83 0.47 1.87
N GLU A 216 -9.93 1.18 2.55
CA GLU A 216 -8.51 0.87 2.42
C GLU A 216 -8.21 -0.51 2.97
N LEU A 217 -8.86 -0.88 4.08
CA LEU A 217 -8.66 -2.21 4.64
C LEU A 217 -9.27 -3.29 3.75
N LEU A 218 -10.36 -2.97 3.06
CA LEU A 218 -10.99 -3.94 2.16
C LEU A 218 -10.09 -4.32 1.00
N ARG A 219 -9.09 -3.50 0.68
CA ARG A 219 -8.14 -3.80 -0.38
C ARG A 219 -7.12 -4.86 0.03
N GLU A 220 -7.11 -5.28 1.28
CA GLU A 220 -6.20 -6.31 1.77
C GLU A 220 -6.79 -7.71 1.68
N VAL A 221 -8.10 -7.84 1.47
CA VAL A 221 -8.75 -9.15 1.57
C VAL A 221 -8.17 -10.11 0.54
N ALA A 222 -7.86 -9.62 -0.66
CA ALA A 222 -7.31 -10.48 -1.71
C ALA A 222 -5.97 -11.08 -1.29
N TYR A 223 -5.17 -10.32 -0.54
CA TYR A 223 -3.87 -10.84 -0.11
C TYR A 223 -4.03 -11.91 0.96
N TRP A 224 -4.80 -11.62 2.01
CA TRP A 224 -5.00 -12.58 3.08
C TRP A 224 -5.75 -13.82 2.61
N HIS A 225 -6.66 -13.65 1.65
CA HIS A 225 -7.35 -14.81 1.08
C HIS A 225 -6.42 -15.64 0.21
N ASN A 226 -5.55 -14.97 -0.56
CA ASN A 226 -4.55 -15.69 -1.33
C ASN A 226 -3.61 -16.47 -0.42
N LEU A 227 -3.25 -15.88 0.73
CA LEU A 227 -2.35 -16.56 1.64
C LEU A 227 -3.00 -17.79 2.25
N GLU A 228 -4.30 -17.74 2.54
CA GLU A 228 -4.93 -18.86 3.24
C GLU A 228 -5.20 -20.05 2.35
N THR A 229 -5.16 -19.88 1.02
CA THR A 229 -5.51 -20.96 0.10
C THR A 229 -4.31 -21.65 -0.52
N THR A 230 -3.15 -20.98 -0.55
CA THR A 230 -1.95 -21.53 -1.16
C THR A 230 -1.03 -22.21 -0.16
N THR A 231 -1.39 -22.25 1.11
CA THR A 231 -0.53 -22.85 2.13
C THR A 231 -0.95 -24.27 2.44
N THR A 232 0.04 -25.11 2.67
CA THR A 232 -0.16 -26.48 3.08
C THR A 232 0.23 -26.62 4.55
N THR A 233 -0.75 -26.95 5.39
CA THR A 233 -0.51 -27.10 6.82
C THR A 233 0.19 -28.41 7.11
N ALA A 234 1.19 -28.35 7.99
CA ALA A 234 1.91 -29.52 8.46
C ALA A 234 2.10 -29.39 9.96
N ALA A 235 1.38 -30.19 10.74
CA ALA A 235 1.48 -30.12 12.19
C ALA A 235 2.90 -30.38 12.66
N LEU A 236 3.34 -29.60 13.63
CA LEU A 236 4.71 -29.69 14.13
C LEU A 236 4.82 -30.85 15.11
N PRO A 237 5.87 -31.66 15.03
CA PRO A 237 5.95 -32.85 15.88
C PRO A 237 6.22 -32.51 17.34
N THR A 238 5.57 -33.23 18.24
CA THR A 238 5.83 -33.13 19.67
C THR A 238 6.34 -34.46 20.21
N ASP A 239 7.11 -34.38 21.30
CA ASP A 239 7.58 -35.61 21.93
C ASP A 239 6.42 -36.40 22.53
N PHE A 240 5.44 -35.71 23.10
CA PHE A 240 4.28 -36.34 23.70
C PHE A 240 3.01 -35.59 23.30
N VAL A 241 1.88 -36.26 23.50
CA VAL A 241 0.56 -35.67 23.29
C VAL A 241 -0.10 -35.49 24.65
N THR A 242 -0.70 -34.33 24.87
CA THR A 242 -1.35 -34.05 26.14
C THR A 242 -2.52 -33.11 25.92
N ALA A 243 -3.47 -33.17 26.85
CA ALA A 243 -4.58 -32.22 26.90
C ALA A 243 -4.45 -31.23 28.04
N ASP A 244 -3.28 -31.18 28.67
CA ASP A 244 -3.01 -30.29 29.80
C ASP A 244 -2.12 -29.16 29.31
N ARG A 245 -2.74 -28.02 28.97
CA ARG A 245 -2.01 -26.85 28.50
C ARG A 245 -1.83 -25.81 29.60
N LYS A 246 -1.85 -26.24 30.87
CA LYS A 246 -1.71 -25.30 31.97
C LYS A 246 -0.31 -24.69 32.00
N GLN A 247 -0.23 -23.46 32.52
CA GLN A 247 1.02 -22.73 32.51
C GLN A 247 2.03 -23.25 33.52
N LYS A 248 1.59 -24.04 34.50
CA LYS A 248 2.51 -24.55 35.51
C LYS A 248 3.57 -25.46 34.93
N HIS A 249 3.30 -26.09 33.78
CA HIS A 249 4.26 -26.97 33.13
C HIS A 249 5.13 -26.26 32.11
N THR A 250 5.14 -24.93 32.11
CA THR A 250 5.90 -24.17 31.13
C THR A 250 7.34 -24.01 31.58
N ARG A 251 8.27 -24.36 30.69
CA ARG A 251 9.69 -24.16 30.92
C ARG A 251 10.28 -23.34 29.77
N THR A 252 11.41 -22.70 30.05
CA THR A 252 12.07 -21.83 29.09
C THR A 252 13.51 -22.25 28.91
N LEU A 253 13.95 -22.32 27.66
CA LEU A 253 15.34 -22.59 27.31
C LEU A 253 15.87 -21.40 26.52
N SER A 254 16.92 -20.77 27.03
CA SER A 254 17.45 -19.54 26.45
C SER A 254 18.90 -19.73 26.01
N PHE A 255 19.25 -19.04 24.93
CA PHE A 255 20.64 -18.94 24.50
C PHE A 255 20.93 -17.50 24.09
N ALA A 256 22.17 -17.08 24.28
CA ALA A 256 22.58 -15.71 24.01
C ALA A 256 23.80 -15.70 23.11
N LEU A 257 23.99 -14.59 22.42
CA LEU A 257 25.16 -14.36 21.58
C LEU A 257 26.12 -13.41 22.26
N THR A 258 27.41 -13.56 21.94
CA THR A 258 28.42 -12.67 22.49
C THR A 258 28.23 -11.25 21.94
N VAL A 259 28.75 -10.28 22.68
CA VAL A 259 28.59 -8.87 22.31
C VAL A 259 29.39 -8.51 21.04
N PRO A 260 30.44 -9.23 20.64
CA PRO A 260 30.96 -8.99 19.29
C PRO A 260 30.07 -9.56 18.20
N GLN A 261 29.41 -10.69 18.46
CA GLN A 261 28.50 -11.26 17.47
C GLN A 261 27.25 -10.41 17.31
N THR A 262 26.80 -9.75 18.38
CA THR A 262 25.58 -8.96 18.31
C THR A 262 25.79 -7.65 17.56
N GLU A 263 26.90 -6.95 17.84
CA GLU A 263 27.17 -5.69 17.15
C GLU A 263 27.43 -5.90 15.67
N ASN A 264 28.03 -7.05 15.31
CA ASN A 264 28.13 -7.41 13.91
C ASN A 264 26.75 -7.55 13.28
N LEU A 265 25.82 -8.15 14.03
CA LEU A 265 24.44 -8.28 13.56
C LEU A 265 23.72 -6.94 13.52
N LEU A 266 24.18 -5.96 14.29
CA LEU A 266 23.52 -4.66 14.38
C LEU A 266 24.14 -3.59 13.47
N ARG A 267 25.43 -3.71 13.14
CA ARG A 267 26.15 -2.64 12.47
C ARG A 267 26.81 -3.03 11.16
N HIS A 268 27.08 -4.31 10.93
CA HIS A 268 27.93 -4.73 9.82
C HIS A 268 27.28 -5.69 8.84
N VAL A 269 26.06 -6.14 9.08
CA VAL A 269 25.41 -7.11 8.21
C VAL A 269 24.11 -6.60 7.59
N HIS A 270 23.59 -5.45 8.03
CA HIS A 270 22.28 -5.00 7.56
C HIS A 270 22.34 -4.55 6.11
N HIS A 271 23.20 -3.58 5.81
CA HIS A 271 23.17 -2.87 4.54
C HIS A 271 23.80 -3.64 3.38
N ALA A 272 24.14 -4.92 3.57
CA ALA A 272 24.56 -5.75 2.44
C ALA A 272 23.34 -6.26 1.68
N TYR A 273 22.28 -6.62 2.40
CA TYR A 273 20.97 -6.89 1.81
C TYR A 273 19.97 -5.78 2.12
N HIS A 274 20.39 -4.77 2.88
CA HIS A 274 19.52 -3.70 3.38
C HIS A 274 18.21 -4.28 3.94
N THR A 275 18.37 -5.13 4.94
CA THR A 275 17.27 -5.77 5.64
C THR A 275 16.98 -5.02 6.94
N GLU A 276 16.06 -5.58 7.72
CA GLU A 276 15.81 -5.15 9.08
C GLU A 276 15.99 -6.36 10.00
N MET A 277 15.77 -6.13 11.29
CA MET A 277 16.01 -7.19 12.27
C MET A 277 15.10 -8.39 12.04
N ASN A 278 13.83 -8.14 11.74
CA ASN A 278 12.87 -9.23 11.59
C ASN A 278 13.16 -10.10 10.38
N ASP A 279 13.88 -9.58 9.38
CA ASP A 279 14.18 -10.39 8.19
C ASP A 279 15.18 -11.50 8.52
N LEU A 280 16.27 -11.16 9.21
CA LEU A 280 17.31 -12.14 9.49
C LEU A 280 16.88 -13.13 10.57
N LEU A 281 16.11 -12.67 11.56
CA LEU A 281 15.70 -13.56 12.64
C LEU A 281 14.67 -14.58 12.17
N LEU A 282 13.82 -14.22 11.21
CA LEU A 282 12.83 -15.16 10.71
C LEU A 282 13.41 -16.10 9.67
N THR A 283 14.45 -15.67 8.95
CA THR A 283 15.11 -16.55 7.99
C THR A 283 15.83 -17.69 8.70
N ALA A 284 16.62 -17.36 9.73
CA ALA A 284 17.28 -18.40 10.52
C ALA A 284 16.28 -19.25 11.29
N LEU A 285 15.08 -18.70 11.57
CA LEU A 285 14.07 -19.50 12.27
C LEU A 285 13.46 -20.55 11.36
N GLY A 286 13.21 -20.20 10.09
CA GLY A 286 12.66 -21.17 9.16
C GLY A 286 13.61 -22.32 8.90
N LEU A 287 14.90 -22.02 8.74
CA LEU A 287 15.88 -23.08 8.54
C LEU A 287 16.05 -23.91 9.79
N ALA A 288 15.87 -23.32 10.97
CA ALA A 288 15.97 -24.07 12.21
C ALA A 288 14.88 -25.13 12.30
N VAL A 289 13.64 -24.74 12.03
CA VAL A 289 12.53 -25.69 12.04
C VAL A 289 12.72 -26.76 10.97
N LYS A 290 13.36 -26.41 9.86
CA LYS A 290 13.61 -27.38 8.81
C LYS A 290 14.59 -28.44 9.27
N ASP A 291 15.70 -28.03 9.89
CA ASP A 291 16.68 -28.99 10.41
C ASP A 291 16.19 -29.71 11.65
N TRP A 292 15.11 -29.24 12.28
CA TRP A 292 14.62 -29.79 13.53
C TRP A 292 13.37 -30.64 13.34
N ALA A 293 12.36 -30.13 12.65
CA ALA A 293 11.12 -30.86 12.41
C ALA A 293 11.06 -31.50 11.03
N HIS A 294 12.07 -31.26 10.18
CA HIS A 294 12.13 -31.84 8.84
C HIS A 294 10.91 -31.44 8.02
N THR A 295 10.65 -30.14 7.95
CA THR A 295 9.55 -29.57 7.17
C THR A 295 10.12 -28.66 6.09
N ASN A 296 9.23 -28.10 5.28
CA ASN A 296 9.60 -27.07 4.32
C ASN A 296 8.61 -25.92 4.32
N GLY A 297 7.69 -25.87 5.28
CA GLY A 297 6.75 -24.78 5.41
C GLY A 297 6.17 -24.71 6.82
N VAL A 298 6.29 -23.55 7.46
CA VAL A 298 5.80 -23.36 8.82
C VAL A 298 5.09 -22.02 8.90
N VAL A 299 3.97 -21.99 9.61
CA VAL A 299 3.18 -20.77 9.80
C VAL A 299 3.48 -20.23 11.20
N ILE A 300 4.02 -19.00 11.25
CA ILE A 300 4.42 -18.36 12.50
C ILE A 300 3.42 -17.27 12.84
N ASN A 301 3.13 -17.13 14.13
CA ASN A 301 2.27 -16.05 14.64
C ASN A 301 3.17 -14.91 15.08
N LEU A 302 3.50 -14.03 14.15
CA LEU A 302 4.40 -12.92 14.44
C LEU A 302 3.62 -11.74 15.02
N GLU A 303 4.22 -11.08 15.99
CA GLU A 303 3.59 -9.95 16.68
C GLU A 303 4.30 -8.66 16.31
N GLY A 304 3.50 -7.61 16.02
CA GLY A 304 4.03 -6.31 15.69
C GLY A 304 3.56 -5.27 16.71
N HIS A 305 4.18 -4.09 16.62
CA HIS A 305 3.84 -3.02 17.56
C HIS A 305 2.39 -2.59 17.43
N GLY A 306 1.83 -2.64 16.22
CA GLY A 306 0.44 -2.31 16.01
C GLY A 306 0.11 -0.83 16.06
N ARG A 307 1.12 0.03 16.13
CA ARG A 307 0.90 1.48 16.13
C ARG A 307 1.05 2.05 14.72
N GLU A 308 0.30 1.48 13.77
CA GLU A 308 0.40 1.85 12.37
C GLU A 308 -0.60 2.97 12.03
N ASP A 309 -0.59 3.37 10.76
CA ASP A 309 -1.48 4.43 10.29
C ASP A 309 -2.86 3.84 10.01
N ILE A 310 -3.83 4.17 10.85
CA ILE A 310 -5.22 3.77 10.64
C ILE A 310 -6.00 4.98 10.18
N GLN A 311 -5.35 5.85 9.40
CA GLN A 311 -5.92 7.10 8.92
C GLN A 311 -6.24 8.04 10.07
N ASN A 312 -6.82 9.20 9.76
CA ASN A 312 -7.18 10.26 10.71
C ASN A 312 -5.96 10.90 11.36
N GLU A 313 -4.76 10.66 10.83
CA GLU A 313 -3.53 11.29 11.33
C GLU A 313 -3.32 11.03 12.82
N MET A 314 -3.64 9.81 13.26
CA MET A 314 -3.49 9.46 14.67
C MET A 314 -2.03 9.45 15.07
N ASN A 315 -1.78 9.74 16.35
CA ASN A 315 -0.42 9.79 16.89
C ASN A 315 -0.43 9.08 18.24
N VAL A 316 0.20 7.91 18.32
CA VAL A 316 0.26 7.15 19.56
C VAL A 316 1.71 6.91 19.95
N THR A 317 2.55 7.92 19.78
CA THR A 317 3.96 7.77 20.14
C THR A 317 4.16 7.69 21.64
N ARG A 318 3.46 8.53 22.40
CA ARG A 318 3.53 8.54 23.85
C ARG A 318 2.32 7.88 24.51
N THR A 319 1.56 7.09 23.75
CA THR A 319 0.35 6.46 24.26
C THR A 319 0.67 5.08 24.83
N ILE A 320 0.17 4.81 26.03
CA ILE A 320 0.38 3.54 26.70
C ILE A 320 -0.88 2.69 26.51
N GLY A 321 -0.69 1.43 26.12
CA GLY A 321 -1.81 0.55 25.88
C GLY A 321 -1.32 -0.76 25.33
N TRP A 322 -2.28 -1.66 25.06
CA TRP A 322 -1.98 -2.96 24.45
C TRP A 322 -2.30 -2.84 22.97
N PHE A 323 -1.28 -2.48 22.19
CA PHE A 323 -1.43 -2.27 20.75
C PHE A 323 -0.96 -3.47 19.92
N THR A 324 -0.68 -4.60 20.57
CA THR A 324 -0.09 -5.74 19.89
C THR A 324 -0.97 -6.22 18.74
N SER A 325 -0.37 -6.39 17.57
CA SER A 325 -1.04 -6.91 16.39
C SER A 325 -0.46 -8.27 16.04
N GLN A 326 -1.32 -9.26 15.89
CA GLN A 326 -0.92 -10.62 15.54
C GLN A 326 -1.38 -10.96 14.13
N TYR A 327 -0.51 -11.63 13.37
CA TYR A 327 -0.83 -12.00 12.00
C TYR A 327 0.07 -13.14 11.59
N PRO A 328 -0.45 -14.12 10.84
CA PRO A 328 0.38 -15.27 10.45
C PRO A 328 1.33 -14.93 9.30
N VAL A 329 2.53 -15.49 9.39
CA VAL A 329 3.55 -15.35 8.35
C VAL A 329 3.93 -16.75 7.89
N VAL A 330 3.99 -16.94 6.58
CA VAL A 330 4.26 -18.25 5.97
C VAL A 330 5.70 -18.26 5.49
N LEU A 331 6.54 -19.02 6.17
CA LEU A 331 7.94 -19.18 5.78
C LEU A 331 8.09 -20.33 4.80
N ASP A 332 9.02 -20.17 3.87
CA ASP A 332 9.25 -21.15 2.81
C ASP A 332 10.68 -21.66 2.90
N MET A 333 10.82 -22.97 3.12
CA MET A 333 12.13 -23.62 3.17
C MET A 333 12.36 -24.50 1.94
N GLU A 334 11.77 -24.13 0.80
CA GLU A 334 11.83 -24.97 -0.39
C GLU A 334 13.25 -25.26 -0.82
N LYS A 335 14.13 -24.25 -0.75
CA LYS A 335 15.53 -24.41 -1.15
C LYS A 335 16.40 -23.66 -0.15
N ALA A 336 16.91 -24.38 0.85
CA ALA A 336 17.68 -23.78 1.94
C ALA A 336 19.16 -23.70 1.66
N GLU A 337 19.63 -24.25 0.54
CA GLU A 337 21.05 -24.22 0.22
C GLU A 337 21.52 -22.81 -0.12
N ASP A 338 20.71 -22.10 -0.91
CA ASP A 338 21.05 -20.74 -1.35
C ASP A 338 20.59 -19.77 -0.28
N LEU A 339 21.50 -19.43 0.63
CA LEU A 339 21.21 -18.47 1.69
C LEU A 339 20.97 -17.07 1.15
N PRO A 340 21.73 -16.59 0.15
CA PRO A 340 21.33 -15.34 -0.50
C PRO A 340 19.91 -15.37 -1.03
N TYR A 341 19.54 -16.44 -1.74
CA TYR A 341 18.17 -16.56 -2.21
C TYR A 341 17.18 -16.75 -1.07
N GLN A 342 17.65 -17.32 0.06
CA GLN A 342 16.76 -17.53 1.19
C GLN A 342 16.44 -16.22 1.90
N ILE A 343 17.45 -15.37 2.13
CA ILE A 343 17.21 -14.10 2.79
C ILE A 343 16.36 -13.18 1.92
N LYS A 344 16.66 -13.12 0.62
CA LYS A 344 15.83 -12.32 -0.28
C LYS A 344 14.42 -12.86 -0.37
N GLN A 345 14.23 -14.18 -0.22
CA GLN A 345 12.90 -14.76 -0.23
C GLN A 345 12.09 -14.28 0.96
N THR A 346 12.68 -14.30 2.16
CA THR A 346 11.96 -13.89 3.35
C THR A 346 11.82 -12.37 3.42
N LYS A 347 12.87 -11.65 3.03
CA LYS A 347 12.82 -10.19 3.06
C LYS A 347 11.70 -9.66 2.19
N GLU A 348 11.57 -10.18 0.98
CA GLU A 348 10.47 -9.78 0.10
C GLU A 348 9.15 -10.41 0.50
N ASN A 349 9.19 -11.48 1.30
CA ASN A 349 7.96 -12.09 1.79
C ASN A 349 7.23 -11.16 2.75
N LEU A 350 7.98 -10.50 3.64
CA LEU A 350 7.36 -9.60 4.61
C LEU A 350 7.00 -8.25 4.01
N ARG A 351 7.73 -7.81 2.97
CA ARG A 351 7.35 -6.58 2.30
C ARG A 351 6.00 -6.71 1.60
N ARG A 352 5.65 -7.92 1.16
CA ARG A 352 4.34 -8.16 0.57
C ARG A 352 3.22 -7.97 1.59
N ILE A 353 3.52 -8.06 2.88
CA ILE A 353 2.48 -7.89 3.91
C ILE A 353 2.12 -6.42 4.02
N PRO A 354 0.84 -6.06 4.00
CA PRO A 354 0.46 -4.64 4.08
C PRO A 354 0.37 -4.11 5.51
N LYS A 355 1.06 -3.01 5.78
CA LYS A 355 0.95 -2.28 7.05
C LYS A 355 1.27 -3.15 8.25
N LYS A 356 2.27 -4.01 8.10
CA LYS A 356 2.77 -4.86 9.19
C LYS A 356 1.66 -5.74 9.76
N GLY A 357 0.79 -6.24 8.89
CA GLY A 357 -0.23 -7.19 9.27
C GLY A 357 -1.23 -6.70 10.30
N ILE A 358 -1.35 -5.38 10.48
CA ILE A 358 -2.30 -4.86 11.46
C ILE A 358 -3.73 -5.16 11.04
N GLY A 359 -4.00 -5.27 9.74
CA GLY A 359 -5.35 -5.44 9.26
C GLY A 359 -5.90 -6.84 9.35
N TYR A 360 -5.08 -7.83 9.71
CA TYR A 360 -5.56 -9.22 9.71
C TYR A 360 -6.65 -9.42 10.75
N GLU A 361 -6.31 -9.25 12.03
CA GLU A 361 -7.29 -9.50 13.08
C GLU A 361 -8.34 -8.41 13.20
N ILE A 362 -8.09 -7.23 12.61
CA ILE A 362 -9.16 -6.24 12.50
C ILE A 362 -10.28 -6.75 11.60
N LEU A 363 -9.92 -7.55 10.58
CA LEU A 363 -10.90 -8.06 9.64
C LEU A 363 -11.77 -9.17 10.25
N ARG A 364 -11.29 -9.85 11.28
CA ARG A 364 -12.04 -10.95 11.89
C ARG A 364 -12.70 -10.57 13.21
N THR A 365 -12.42 -9.39 13.75
CA THR A 365 -12.97 -8.99 15.04
C THR A 365 -13.75 -7.68 15.00
N LEU A 366 -13.48 -6.79 14.06
CA LEU A 366 -14.12 -5.48 14.03
C LEU A 366 -14.88 -5.16 12.75
N THR A 367 -14.52 -5.78 11.62
CA THR A 367 -15.16 -5.45 10.36
C THR A 367 -16.62 -5.90 10.35
N THR A 368 -17.51 -4.97 10.01
CA THR A 368 -18.95 -5.20 10.03
C THR A 368 -19.52 -5.48 8.65
N SER A 369 -18.86 -6.31 7.85
CA SER A 369 -19.35 -6.60 6.51
C SER A 369 -18.79 -7.93 6.03
N GLN A 370 -19.63 -8.71 5.36
CA GLN A 370 -19.18 -9.95 4.74
C GLN A 370 -18.29 -9.61 3.56
N LEU A 371 -17.01 -9.93 3.67
CA LEU A 371 -16.04 -9.52 2.66
C LEU A 371 -16.28 -10.27 1.35
N GLN A 372 -16.20 -9.53 0.24
CA GLN A 372 -16.54 -10.10 -1.07
C GLN A 372 -15.75 -11.37 -1.40
N PRO A 373 -14.44 -11.45 -1.16
CA PRO A 373 -13.79 -12.76 -1.17
C PRO A 373 -13.97 -13.45 0.17
N PRO A 374 -14.54 -14.66 0.19
CA PRO A 374 -14.82 -15.32 1.46
C PRO A 374 -13.57 -15.62 2.29
N LEU A 375 -13.21 -14.69 3.17
CA LEU A 375 -12.09 -14.90 4.08
C LEU A 375 -12.57 -15.72 5.26
N ALA A 376 -11.92 -16.86 5.51
CA ALA A 376 -12.33 -17.77 6.56
C ALA A 376 -11.38 -17.80 7.76
N PHE A 377 -10.19 -17.22 7.64
CA PHE A 377 -9.19 -17.21 8.71
C PHE A 377 -8.90 -18.64 9.18
N THR A 378 -8.32 -19.44 8.28
CA THR A 378 -8.08 -20.85 8.55
C THR A 378 -6.68 -21.16 9.05
N LEU A 379 -5.75 -20.20 8.98
CA LEU A 379 -4.39 -20.44 9.42
C LEU A 379 -4.32 -20.48 10.94
N ARG A 380 -3.87 -21.61 11.48
CA ARG A 380 -3.69 -21.78 12.93
C ARG A 380 -2.20 -21.96 13.22
N PRO A 381 -1.46 -20.88 13.44
CA PRO A 381 -0.03 -21.03 13.72
C PRO A 381 0.19 -21.64 15.09
N GLU A 382 1.24 -22.47 15.19
CA GLU A 382 1.60 -23.10 16.45
C GLU A 382 2.87 -22.52 17.07
N ILE A 383 3.57 -21.66 16.35
CA ILE A 383 4.75 -20.97 16.88
C ILE A 383 4.45 -19.48 16.89
N SER A 384 4.83 -18.82 17.98
CA SER A 384 4.69 -17.38 18.13
C SER A 384 6.07 -16.75 18.23
N PHE A 385 6.29 -15.69 17.45
CA PHE A 385 7.54 -14.95 17.46
C PHE A 385 7.29 -13.50 17.82
N ASN A 386 8.21 -12.90 18.57
CA ASN A 386 8.09 -11.52 19.00
C ASN A 386 9.48 -10.98 19.29
N TYR A 387 9.86 -9.91 18.57
CA TYR A 387 11.12 -9.23 18.77
C TYR A 387 10.87 -7.98 19.61
N LEU A 388 11.49 -7.92 20.79
CA LEU A 388 11.25 -6.85 21.74
C LEU A 388 12.14 -5.63 21.52
N GLY A 389 13.23 -5.77 20.77
CA GLY A 389 14.14 -4.67 20.56
C GLY A 389 15.29 -4.65 21.54
N GLN A 390 16.14 -3.65 21.38
CA GLN A 390 17.33 -3.49 22.22
C GLN A 390 16.97 -2.71 23.47
N PHE A 391 17.38 -3.22 24.62
CA PHE A 391 17.12 -2.56 25.90
C PHE A 391 18.42 -2.27 26.64
N GLY A 398 17.03 6.79 31.95
CA GLY A 398 18.43 6.53 32.23
C GLY A 398 18.88 7.08 33.58
N GLY A 399 18.25 6.61 34.64
CA GLY A 399 18.59 7.06 35.98
C GLY A 399 18.67 5.92 36.98
N PHE A 400 17.98 4.82 36.69
CA PHE A 400 17.97 3.64 37.54
C PHE A 400 18.73 2.51 36.86
N THR A 401 18.62 1.31 37.43
CA THR A 401 19.17 0.10 36.83
C THR A 401 18.20 -1.04 37.04
N PHE A 402 18.30 -2.05 36.19
CA PHE A 402 17.43 -3.21 36.26
C PHE A 402 17.99 -4.23 37.24
N SER A 403 17.15 -4.69 38.16
CA SER A 403 17.60 -5.59 39.19
C SER A 403 17.82 -7.00 38.62
N PRO A 404 18.81 -7.72 39.14
CA PRO A 404 19.04 -9.10 38.66
C PRO A 404 17.96 -10.08 39.10
N LEU A 405 17.06 -9.68 39.97
CA LEU A 405 16.02 -10.58 40.47
C LEU A 405 14.92 -10.75 39.43
N GLY A 406 14.17 -11.85 39.59
CA GLY A 406 13.04 -12.10 38.72
C GLY A 406 11.81 -11.32 39.14
N THR A 407 10.81 -11.36 38.26
CA THR A 407 9.55 -10.66 38.49
C THR A 407 8.48 -11.55 39.12
N GLY A 408 8.73 -12.85 39.25
CA GLY A 408 7.71 -13.78 39.68
C GLY A 408 6.90 -14.30 38.51
N GLN A 409 6.08 -15.32 38.82
CA GLN A 409 5.26 -15.95 37.78
C GLN A 409 4.25 -14.96 37.23
N LEU A 410 4.34 -14.69 35.92
CA LEU A 410 3.54 -13.64 35.31
C LEU A 410 2.11 -14.09 35.00
N PHE A 411 1.91 -15.35 34.66
CA PHE A 411 0.59 -15.89 34.40
C PHE A 411 0.11 -16.72 35.58
N SER A 412 -1.14 -17.15 35.51
CA SER A 412 -1.63 -18.04 36.55
C SER A 412 -1.12 -19.46 36.28
N PRO A 413 -0.78 -20.21 37.34
CA PRO A 413 -0.36 -21.60 37.12
C PRO A 413 -1.40 -22.45 36.41
N GLU A 414 -2.68 -22.10 36.55
CA GLU A 414 -3.76 -22.81 35.88
C GLU A 414 -4.08 -22.23 34.51
N SER A 415 -3.44 -21.14 34.11
CA SER A 415 -3.73 -20.52 32.83
C SER A 415 -3.33 -21.42 31.68
N GLU A 416 -4.14 -21.45 30.64
CA GLU A 416 -3.93 -22.35 29.51
C GLU A 416 -2.96 -21.75 28.51
N ARG A 417 -2.08 -22.60 27.97
CA ARG A 417 -1.15 -22.18 26.93
C ARG A 417 -1.89 -22.07 25.59
N VAL A 418 -1.55 -21.05 24.82
CA VAL A 418 -2.19 -20.80 23.54
C VAL A 418 -1.33 -21.31 22.38
N PHE A 419 -0.03 -21.10 22.45
CA PHE A 419 0.89 -21.48 21.38
C PHE A 419 1.76 -22.65 21.83
N LEU A 420 2.07 -23.54 20.88
CA LEU A 420 2.91 -24.68 21.18
C LEU A 420 4.34 -24.26 21.51
N LEU A 421 4.81 -23.17 20.90
CA LEU A 421 6.15 -22.65 21.16
C LEU A 421 6.11 -21.13 21.13
N ASP A 422 6.60 -20.49 22.18
CA ASP A 422 6.74 -19.05 22.23
C ASP A 422 8.21 -18.68 22.12
N ILE A 423 8.57 -18.00 21.04
CA ILE A 423 9.95 -17.62 20.77
C ILE A 423 10.05 -16.11 20.85
N SER A 424 10.80 -15.62 21.84
CA SER A 424 11.02 -14.20 22.04
C SER A 424 12.45 -13.84 21.65
N ALA A 425 12.66 -12.55 21.39
CA ALA A 425 13.97 -12.06 20.97
C ALA A 425 14.16 -10.66 21.52
N MET A 426 15.22 -10.46 22.30
CA MET A 426 15.53 -9.16 22.87
C MET A 426 17.04 -9.01 22.96
N ILE A 427 17.49 -7.76 22.95
CA ILE A 427 18.90 -7.42 23.06
C ILE A 427 19.10 -6.70 24.38
N GLU A 428 19.89 -7.30 25.27
CA GLU A 428 20.15 -6.74 26.60
C GLU A 428 21.65 -6.83 26.88
N ASP A 429 22.22 -5.70 27.33
CA ASP A 429 23.66 -5.61 27.62
C ASP A 429 24.49 -6.00 26.40
N GLY A 430 24.05 -5.55 25.23
CA GLY A 430 24.77 -5.85 24.00
C GLY A 430 24.74 -7.30 23.59
N GLU A 431 23.81 -8.09 24.11
CA GLU A 431 23.70 -9.51 23.79
C GLU A 431 22.30 -9.81 23.28
N LEU A 432 22.21 -10.27 22.04
CA LEU A 432 20.95 -10.76 21.50
C LEU A 432 20.63 -12.10 22.15
N ARG A 433 19.55 -12.14 22.94
CA ARG A 433 19.21 -13.31 23.74
C ARG A 433 17.85 -13.83 23.30
N ILE A 434 17.83 -15.07 22.81
CA ILE A 434 16.60 -15.73 22.35
C ILE A 434 16.11 -16.66 23.45
N SER A 435 14.80 -16.72 23.61
CA SER A 435 14.17 -17.58 24.61
C SER A 435 13.01 -18.32 23.97
N VAL A 436 12.93 -19.63 24.21
CA VAL A 436 11.89 -20.48 23.66
C VAL A 436 11.08 -21.06 24.81
N GLY A 437 9.78 -20.76 24.82
CA GLY A 437 8.89 -21.25 25.85
C GLY A 437 8.13 -22.48 25.37
N TYR A 438 8.13 -23.52 26.19
CA TYR A 438 7.49 -24.78 25.86
C TYR A 438 6.88 -25.38 27.12
N SER A 439 6.08 -26.43 26.92
CA SER A 439 5.50 -27.19 28.02
C SER A 439 6.25 -28.50 28.17
N ARG A 440 6.60 -28.85 29.40
CA ARG A 440 7.38 -30.07 29.63
C ARG A 440 6.58 -31.33 29.40
N LEU A 441 5.25 -31.23 29.34
CA LEU A 441 4.41 -32.38 29.04
C LEU A 441 4.32 -32.67 27.55
N GLN A 442 4.92 -31.83 26.71
CA GLN A 442 4.95 -32.04 25.26
C GLN A 442 6.36 -32.22 24.71
N TYR A 443 7.37 -31.62 25.34
CA TYR A 443 8.74 -31.70 24.86
C TYR A 443 9.68 -31.96 26.03
N GLU A 444 10.70 -32.76 25.77
CA GLU A 444 11.84 -32.86 26.67
C GLU A 444 12.84 -31.77 26.33
N GLU A 445 13.55 -31.29 27.35
CA GLU A 445 14.48 -30.18 27.17
C GLU A 445 15.53 -30.47 26.11
N LYS A 446 15.79 -31.74 25.82
CA LYS A 446 16.76 -32.09 24.80
C LYS A 446 16.23 -31.85 23.39
N THR A 447 14.93 -32.09 23.18
CA THR A 447 14.32 -31.80 21.90
C THR A 447 14.27 -30.30 21.64
N ILE A 448 14.02 -29.51 22.68
CA ILE A 448 14.00 -28.05 22.53
C ILE A 448 15.41 -27.52 22.34
N ALA A 449 16.39 -28.10 23.04
CA ALA A 449 17.77 -27.66 22.90
C ALA A 449 18.30 -27.90 21.49
N SER A 450 17.78 -28.92 20.80
CA SER A 450 18.19 -29.17 19.43
C SER A 450 17.71 -28.06 18.51
N LEU A 451 16.46 -27.62 18.69
CA LEU A 451 15.93 -26.52 17.87
C LEU A 451 16.65 -25.21 18.17
N ALA A 452 17.04 -24.99 19.43
CA ALA A 452 17.74 -23.75 19.76
C ALA A 452 19.17 -23.77 19.25
N ASP A 453 19.85 -24.93 19.32
CA ASP A 453 21.19 -25.02 18.76
C ASP A 453 21.17 -24.95 17.24
N SER A 454 20.10 -25.43 16.62
CA SER A 454 19.95 -25.27 15.17
C SER A 454 19.61 -23.83 14.79
N TYR A 455 18.95 -23.10 15.69
CA TYR A 455 18.65 -21.70 15.45
C TYR A 455 19.90 -20.84 15.57
N ARG A 456 20.84 -21.25 16.41
CA ARG A 456 22.08 -20.48 16.57
C ARG A 456 23.04 -20.75 15.42
N LYS A 457 23.14 -22.00 14.96
CA LYS A 457 24.04 -22.33 13.87
C LYS A 457 23.64 -21.68 12.55
N HIS A 458 22.42 -21.15 12.46
CA HIS A 458 22.00 -20.38 11.29
C HIS A 458 22.12 -18.88 11.50
N LEU A 459 21.98 -18.39 12.73
CA LEU A 459 22.23 -16.98 12.99
C LEU A 459 23.69 -16.65 12.78
N LEU A 460 24.59 -17.49 13.30
CA LEU A 460 26.02 -17.28 13.08
C LEU A 460 26.39 -17.45 11.62
N GLY A 461 25.70 -18.32 10.90
CA GLY A 461 25.97 -18.50 9.48
C GLY A 461 25.54 -17.32 8.63
N ILE A 462 24.50 -16.61 9.06
CA ILE A 462 24.03 -15.46 8.30
C ILE A 462 24.94 -14.26 8.50
N ILE A 463 25.32 -13.98 9.75
CA ILE A 463 26.16 -12.82 10.02
C ILE A 463 27.55 -12.98 9.41
N GLU A 464 28.07 -14.21 9.37
CA GLU A 464 29.35 -14.46 8.73
C GLU A 464 29.23 -14.51 7.21
N HIS A 465 28.04 -14.79 6.68
CA HIS A 465 27.84 -14.72 5.24
C HIS A 465 27.56 -13.30 4.79
N CYS A 466 26.79 -12.53 5.58
CA CYS A 466 26.48 -11.15 5.24
C CYS A 466 27.65 -10.21 5.48
N MET A 467 28.61 -10.60 6.31
CA MET A 467 29.80 -9.77 6.51
C MET A 467 30.84 -9.98 5.42
N ALA A 468 30.78 -11.12 4.71
CA ALA A 468 31.70 -11.34 3.61
C ALA A 468 31.27 -10.62 2.34
N LYS A 469 29.96 -10.40 2.18
CA LYS A 469 29.45 -9.71 1.00
C LYS A 469 29.93 -8.26 0.96
N SER B 23 -20.87 15.16 4.44
CA SER B 23 -21.71 15.58 3.33
C SER B 23 -20.95 16.52 2.40
N ARG B 24 -19.84 16.04 1.85
CA ARG B 24 -19.00 16.84 0.97
C ARG B 24 -19.43 16.62 -0.47
N GLU B 25 -19.92 17.67 -1.11
CA GLU B 25 -20.43 17.61 -2.48
C GLU B 25 -19.57 18.47 -3.39
N SER B 26 -19.59 18.14 -4.68
CA SER B 26 -18.78 18.82 -5.67
C SER B 26 -19.43 20.14 -6.11
N GLU B 27 -18.66 20.93 -6.85
CA GLU B 27 -19.12 22.23 -7.32
C GLU B 27 -20.00 22.05 -8.56
N GLN B 28 -21.26 22.49 -8.45
CA GLN B 28 -22.18 22.42 -9.59
C GLN B 28 -22.17 23.67 -10.43
N GLY B 29 -21.65 24.79 -9.90
CA GLY B 29 -21.53 26.01 -10.66
C GLY B 29 -20.39 25.95 -11.65
N VAL B 30 -19.95 27.12 -12.09
CA VAL B 30 -18.84 27.25 -13.02
C VAL B 30 -17.54 27.36 -12.25
N VAL B 31 -16.53 26.62 -12.70
CA VAL B 31 -15.24 26.60 -12.03
C VAL B 31 -14.33 27.64 -12.68
N GLU B 32 -13.70 28.47 -11.85
CA GLU B 32 -12.77 29.49 -12.33
C GLU B 32 -11.58 29.53 -11.38
N GLY B 33 -10.52 30.20 -11.83
CA GLY B 33 -9.35 30.43 -11.01
C GLY B 33 -8.13 29.69 -11.54
N GLU B 34 -7.05 29.79 -10.76
CA GLU B 34 -5.78 29.17 -11.11
C GLU B 34 -5.73 27.74 -10.58
N ILE B 35 -5.20 26.84 -11.39
CA ILE B 35 -5.08 25.43 -11.06
C ILE B 35 -3.60 25.05 -11.09
N ALA B 36 -3.18 24.29 -10.08
CA ALA B 36 -1.80 23.81 -10.04
C ALA B 36 -1.61 22.70 -11.08
N LEU B 37 -0.41 22.66 -11.65
CA LEU B 37 -0.11 21.66 -12.67
C LEU B 37 -0.02 20.27 -12.04
N THR B 38 -0.74 19.31 -12.63
CA THR B 38 -0.67 17.93 -12.19
C THR B 38 0.63 17.29 -12.67
N PRO B 39 1.05 16.17 -12.05
CA PRO B 39 2.31 15.54 -12.46
C PRO B 39 2.42 15.24 -13.94
N ILE B 40 1.32 14.83 -14.59
CA ILE B 40 1.39 14.55 -16.02
C ILE B 40 1.52 15.85 -16.81
N GLN B 41 1.06 16.96 -16.26
CA GLN B 41 1.17 18.25 -16.94
C GLN B 41 2.55 18.86 -16.75
N LYS B 42 3.16 18.68 -15.57
CA LYS B 42 4.53 19.11 -15.39
C LYS B 42 5.49 18.30 -16.24
N TRP B 43 5.18 17.02 -16.47
CA TRP B 43 5.98 16.22 -17.39
C TRP B 43 5.86 16.72 -18.82
N PHE B 44 4.71 17.28 -19.18
CA PHE B 44 4.51 17.78 -20.54
C PHE B 44 5.40 18.99 -20.82
N PHE B 45 5.38 19.97 -19.93
CA PHE B 45 6.15 21.20 -20.15
C PHE B 45 7.64 21.00 -19.87
N ALA B 46 8.01 20.04 -19.01
CA ALA B 46 9.41 19.80 -18.74
C ALA B 46 10.13 19.21 -19.95
N ASN B 47 9.40 18.50 -20.82
CA ASN B 47 10.00 17.98 -22.03
C ASN B 47 10.40 19.09 -22.98
N ASN B 48 9.74 20.25 -22.89
CA ASN B 48 10.02 21.40 -23.75
C ASN B 48 9.88 21.02 -25.23
N PHE B 49 8.70 20.52 -25.57
CA PHE B 49 8.43 20.11 -26.93
C PHE B 49 8.42 21.31 -27.87
N THR B 50 8.78 21.06 -29.13
CA THR B 50 8.66 22.08 -30.16
C THR B 50 7.20 22.18 -30.60
N ASP B 51 6.67 23.40 -30.58
CA ASP B 51 5.25 23.64 -30.87
C ASP B 51 4.36 22.81 -29.94
N ARG B 52 4.45 23.12 -28.65
CA ARG B 52 3.70 22.37 -27.63
C ARG B 52 2.20 22.53 -27.78
N HIS B 53 1.74 23.51 -28.57
CA HIS B 53 0.31 23.66 -28.83
C HIS B 53 -0.22 22.56 -29.74
N HIS B 54 0.65 21.85 -30.44
CA HIS B 54 0.27 20.76 -31.33
C HIS B 54 0.64 19.45 -30.65
N TRP B 55 -0.29 18.94 -29.83
CA TRP B 55 -0.07 17.75 -29.02
C TRP B 55 -1.41 17.28 -28.47
N ASN B 56 -2.28 16.80 -29.34
CA ASN B 56 -3.70 16.64 -29.02
C ASN B 56 -4.14 15.19 -29.16
N GLN B 57 -5.39 14.96 -28.79
CA GLN B 57 -6.12 13.73 -29.04
C GLN B 57 -7.37 14.06 -29.83
N ALA B 58 -7.79 13.13 -30.69
CA ALA B 58 -8.93 13.39 -31.55
C ALA B 58 -9.61 12.10 -31.95
N VAL B 59 -10.92 12.20 -32.19
CA VAL B 59 -11.72 11.10 -32.74
C VAL B 59 -12.58 11.67 -33.87
N MET B 60 -12.66 10.93 -34.97
CA MET B 60 -13.45 11.35 -36.13
C MET B 60 -14.74 10.54 -36.16
N LEU B 61 -15.86 11.22 -35.96
CA LEU B 61 -17.17 10.59 -35.95
C LEU B 61 -17.78 10.60 -37.35
N PHE B 62 -18.87 9.85 -37.51
CA PHE B 62 -19.53 9.73 -38.80
C PHE B 62 -21.00 9.39 -38.60
N ARG B 63 -21.83 9.93 -39.49
CA ARG B 63 -23.26 9.61 -39.53
C ARG B 63 -23.68 9.49 -40.98
N GLU B 64 -24.24 8.34 -41.35
CA GLU B 64 -24.74 8.16 -42.70
C GLU B 64 -25.85 9.15 -43.02
N ASP B 65 -26.66 9.50 -42.03
CA ASP B 65 -27.69 10.51 -42.21
C ASP B 65 -27.13 11.92 -42.19
N GLY B 66 -25.93 12.12 -41.64
CA GLY B 66 -25.32 13.43 -41.56
C GLY B 66 -25.65 14.15 -40.26
N PHE B 67 -24.77 15.08 -39.89
CA PHE B 67 -24.98 15.92 -38.73
C PHE B 67 -25.71 17.19 -39.13
N ASP B 68 -26.21 17.91 -38.12
CA ASP B 68 -26.81 19.23 -38.31
C ASP B 68 -25.99 20.25 -37.53
N GLU B 69 -25.50 21.27 -38.23
CA GLU B 69 -24.59 22.23 -37.63
C GLU B 69 -25.23 22.96 -36.44
N GLY B 70 -26.52 23.29 -36.55
CA GLY B 70 -27.18 23.99 -35.46
C GLY B 70 -27.26 23.15 -34.20
N LEU B 71 -27.47 21.84 -34.34
CA LEU B 71 -27.56 20.96 -33.18
C LEU B 71 -26.20 20.61 -32.63
N VAL B 72 -25.19 20.50 -33.48
CA VAL B 72 -23.84 20.20 -33.01
C VAL B 72 -23.28 21.38 -32.22
N ARG B 73 -23.47 22.60 -32.74
CA ARG B 73 -22.99 23.78 -32.03
C ARG B 73 -23.73 23.97 -30.71
N GLN B 74 -25.01 23.61 -30.68
CA GLN B 74 -25.78 23.73 -29.44
C GLN B 74 -25.33 22.70 -28.41
N ALA B 75 -24.91 21.52 -28.86
CA ALA B 75 -24.46 20.49 -27.93
C ALA B 75 -23.13 20.85 -27.28
N PHE B 76 -22.16 21.26 -28.10
CA PHE B 76 -20.84 21.60 -27.57
C PHE B 76 -20.86 22.90 -26.78
N GLN B 77 -21.85 23.77 -27.00
CA GLN B 77 -21.97 24.95 -26.15
C GLN B 77 -22.31 24.56 -24.71
N GLN B 78 -23.12 23.52 -24.54
CA GLN B 78 -23.48 23.08 -23.19
C GLN B 78 -22.44 22.13 -22.61
N ILE B 79 -21.72 21.38 -23.47
CA ILE B 79 -20.70 20.46 -22.99
C ILE B 79 -19.54 21.23 -22.39
N VAL B 80 -19.05 22.25 -23.10
CA VAL B 80 -17.91 23.02 -22.61
C VAL B 80 -18.27 23.80 -21.35
N GLU B 81 -19.53 24.21 -21.22
CA GLU B 81 -19.96 24.87 -19.99
C GLU B 81 -20.02 23.89 -18.82
N HIS B 82 -20.44 22.64 -19.09
CA HIS B 82 -20.60 21.67 -18.02
C HIS B 82 -19.25 21.09 -17.56
N HIS B 83 -18.34 20.83 -18.50
CA HIS B 83 -17.02 20.30 -18.19
C HIS B 83 -16.04 21.48 -18.20
N ASP B 84 -15.75 22.00 -17.00
CA ASP B 84 -15.02 23.26 -16.89
C ASP B 84 -13.58 23.14 -17.35
N ALA B 85 -12.99 21.94 -17.29
CA ALA B 85 -11.59 21.79 -17.67
C ALA B 85 -11.36 22.04 -19.15
N LEU B 86 -12.40 22.04 -19.97
CA LEU B 86 -12.27 22.29 -21.40
C LEU B 86 -12.14 23.77 -21.74
N ARG B 87 -12.23 24.66 -20.74
CA ARG B 87 -12.07 26.10 -20.95
C ARG B 87 -10.73 26.59 -20.40
N MET B 88 -9.73 25.70 -20.35
CA MET B 88 -8.45 26.04 -19.75
C MET B 88 -7.57 26.80 -20.73
N VAL B 89 -6.71 27.66 -20.18
CA VAL B 89 -5.69 28.36 -20.94
C VAL B 89 -4.38 28.28 -20.18
N TYR B 90 -3.27 28.27 -20.92
CA TYR B 90 -1.93 28.15 -20.35
C TYR B 90 -1.10 29.32 -20.82
N LYS B 91 -0.73 30.21 -19.89
CA LYS B 91 -0.02 31.43 -20.21
C LYS B 91 1.41 31.37 -19.66
N GLN B 92 2.35 31.80 -20.48
CA GLN B 92 3.76 31.85 -20.08
C GLN B 92 4.08 33.25 -19.58
N GLU B 93 4.53 33.34 -18.34
CA GLU B 93 4.86 34.62 -17.74
C GLU B 93 5.95 34.42 -16.69
N ASP B 94 6.93 35.33 -16.69
CA ASP B 94 8.04 35.32 -15.74
C ASP B 94 8.88 34.04 -15.82
N GLY B 95 8.75 33.28 -16.90
CA GLY B 95 9.46 32.04 -17.06
C GLY B 95 8.74 30.81 -16.56
N ALA B 96 7.63 30.98 -15.85
CA ALA B 96 6.86 29.87 -15.31
C ALA B 96 5.52 29.75 -16.05
N ILE B 97 4.94 28.56 -15.99
CA ILE B 97 3.68 28.27 -16.65
C ILE B 97 2.55 28.45 -15.64
N LYS B 98 1.51 29.17 -16.06
CA LYS B 98 0.33 29.40 -15.24
C LYS B 98 -0.90 28.95 -16.02
N GLN B 99 -1.62 27.96 -15.49
CA GLN B 99 -2.84 27.48 -16.11
C GLN B 99 -4.04 28.10 -15.42
N ILE B 100 -5.03 28.53 -16.21
CA ILE B 100 -6.18 29.26 -15.71
C ILE B 100 -7.44 28.61 -16.25
N ASN B 101 -8.38 28.30 -15.36
CA ASN B 101 -9.69 27.80 -15.76
C ASN B 101 -10.61 29.00 -15.97
N ARG B 102 -10.97 29.24 -17.23
CA ARG B 102 -11.77 30.41 -17.57
C ARG B 102 -13.25 30.19 -17.21
N GLY B 103 -13.99 31.28 -17.19
CA GLY B 103 -15.43 31.26 -17.00
C GLY B 103 -16.18 31.18 -18.31
N LEU B 104 -17.38 31.75 -18.32
CA LEU B 104 -18.24 31.77 -19.50
C LEU B 104 -18.16 33.09 -20.24
N THR B 105 -16.97 33.68 -20.32
CA THR B 105 -16.78 34.98 -20.95
C THR B 105 -16.12 34.93 -22.31
N ASP B 106 -15.55 33.79 -22.70
CA ASP B 106 -14.76 33.68 -23.92
C ASP B 106 -15.35 32.63 -24.85
N GLU B 107 -14.67 32.42 -25.98
CA GLU B 107 -15.09 31.43 -26.95
C GLU B 107 -14.95 30.02 -26.36
N ARG B 108 -16.04 29.25 -26.45
CA ARG B 108 -16.05 27.90 -25.88
C ARG B 108 -15.37 26.89 -26.81
N PHE B 109 -15.56 27.03 -28.12
CA PHE B 109 -14.96 26.12 -29.07
C PHE B 109 -14.94 26.78 -30.44
N ARG B 110 -14.00 26.34 -31.28
CA ARG B 110 -13.86 26.84 -32.64
C ARG B 110 -14.44 25.81 -33.59
N PHE B 111 -15.54 26.17 -34.25
CA PHE B 111 -16.27 25.24 -35.11
C PHE B 111 -15.89 25.46 -36.58
N TYR B 112 -15.78 24.36 -37.31
CA TYR B 112 -15.51 24.37 -38.74
C TYR B 112 -16.62 23.62 -39.46
N SER B 113 -16.91 24.04 -40.69
CA SER B 113 -17.94 23.41 -41.50
C SER B 113 -17.54 23.49 -42.97
N TYR B 114 -17.60 22.35 -43.66
CA TYR B 114 -17.23 22.28 -45.06
C TYR B 114 -18.31 21.53 -45.84
N ASP B 115 -18.35 21.79 -47.14
CA ASP B 115 -19.30 21.17 -48.06
C ASP B 115 -18.51 20.59 -49.23
N LEU B 116 -18.03 19.36 -49.07
CA LEU B 116 -17.26 18.67 -50.10
C LEU B 116 -18.11 17.66 -50.86
N LYS B 117 -19.42 17.88 -50.93
CA LYS B 117 -20.31 16.93 -51.59
C LYS B 117 -20.16 16.99 -53.10
N ASN B 118 -20.21 18.19 -53.67
CA ASN B 118 -20.15 18.33 -55.13
C ASN B 118 -18.79 17.89 -55.68
N HIS B 119 -17.74 18.02 -54.89
CA HIS B 119 -16.37 17.80 -55.37
C HIS B 119 -15.89 16.41 -54.98
N ALA B 120 -15.01 15.84 -55.82
CA ALA B 120 -14.52 14.48 -55.64
C ALA B 120 -13.13 14.43 -54.99
N ASN B 121 -12.84 15.37 -54.08
CA ASN B 121 -11.60 15.32 -53.32
C ASN B 121 -11.74 14.40 -52.10
N SER B 122 -12.81 14.58 -51.33
CA SER B 122 -13.22 13.66 -50.29
C SER B 122 -12.15 13.39 -49.24
N GLU B 123 -11.65 12.14 -49.19
CA GLU B 123 -10.75 11.73 -48.12
C GLU B 123 -9.43 12.48 -48.18
N ALA B 124 -8.90 12.72 -49.38
CA ALA B 124 -7.66 13.46 -49.50
C ALA B 124 -7.82 14.91 -49.04
N ARG B 125 -9.00 15.49 -49.25
CA ARG B 125 -9.25 16.86 -48.81
C ARG B 125 -9.52 16.92 -47.31
N ILE B 126 -10.31 15.99 -46.79
CA ILE B 126 -10.59 15.97 -45.35
C ILE B 126 -9.31 15.76 -44.57
N LEU B 127 -8.42 14.88 -45.06
CA LEU B 127 -7.18 14.59 -44.36
C LEU B 127 -6.28 15.82 -44.31
N GLU B 128 -6.13 16.51 -45.45
CA GLU B 128 -5.26 17.69 -45.48
C GLU B 128 -5.85 18.85 -44.67
N LEU B 129 -7.18 18.94 -44.61
CA LEU B 129 -7.81 19.95 -43.77
C LEU B 129 -7.79 19.56 -42.31
N SER B 130 -7.84 18.26 -42.01
CA SER B 130 -7.73 17.81 -40.62
C SER B 130 -6.37 18.17 -40.05
N ASP B 131 -5.31 18.10 -40.87
CA ASP B 131 -3.98 18.46 -40.40
C ASP B 131 -3.87 19.94 -40.06
N GLN B 132 -4.57 20.80 -40.81
CA GLN B 132 -4.52 22.24 -40.53
C GLN B 132 -5.25 22.59 -39.24
N ILE B 133 -6.34 21.87 -38.94
CA ILE B 133 -7.09 22.16 -37.72
C ILE B 133 -6.34 21.68 -36.49
N GLN B 134 -5.64 20.55 -36.60
CA GLN B 134 -4.88 20.02 -35.48
C GLN B 134 -3.73 20.93 -35.07
N SER B 135 -3.22 21.74 -35.99
CA SER B 135 -2.04 22.57 -35.75
C SER B 135 -2.37 24.02 -35.44
N SER B 136 -3.64 24.36 -35.23
CA SER B 136 -4.07 25.73 -35.05
C SER B 136 -4.61 26.00 -33.64
N ILE B 137 -4.23 25.18 -32.67
CA ILE B 137 -4.69 25.37 -31.29
C ILE B 137 -3.79 26.39 -30.61
N ASP B 138 -4.40 27.38 -29.95
CA ASP B 138 -3.68 28.40 -29.21
C ASP B 138 -3.80 28.10 -27.72
N LEU B 139 -2.66 27.86 -27.06
CA LEU B 139 -2.67 27.54 -25.64
C LEU B 139 -2.81 28.79 -24.76
N GLU B 140 -2.37 29.95 -25.25
CA GLU B 140 -2.40 31.15 -24.43
C GLU B 140 -3.81 31.72 -24.30
N HIS B 141 -4.64 31.61 -25.34
CA HIS B 141 -5.95 32.22 -25.35
C HIS B 141 -7.10 31.24 -25.56
N GLY B 142 -6.83 30.02 -25.99
CA GLY B 142 -7.88 29.05 -26.21
C GLY B 142 -8.70 29.38 -27.44
N PRO B 143 -9.75 28.57 -27.68
CA PRO B 143 -10.15 27.41 -26.87
C PRO B 143 -9.34 26.16 -27.21
N LEU B 144 -9.44 25.14 -26.36
CA LEU B 144 -8.72 23.89 -26.58
C LEU B 144 -9.52 22.84 -27.33
N VAL B 145 -10.81 23.08 -27.55
CA VAL B 145 -11.67 22.15 -28.28
C VAL B 145 -11.89 22.69 -29.69
N HIS B 146 -11.67 21.83 -30.69
CA HIS B 146 -11.87 22.17 -32.09
C HIS B 146 -12.81 21.14 -32.71
N VAL B 147 -13.92 21.62 -33.26
CA VAL B 147 -14.94 20.76 -33.86
C VAL B 147 -15.06 21.12 -35.33
N ALA B 148 -14.98 20.12 -36.19
CA ALA B 148 -15.05 20.31 -37.63
C ALA B 148 -16.05 19.34 -38.23
N LEU B 149 -16.89 19.85 -39.14
CA LEU B 149 -17.91 19.05 -39.81
C LEU B 149 -17.59 18.99 -41.29
N PHE B 150 -17.44 17.78 -41.82
CA PHE B 150 -17.16 17.55 -43.23
C PHE B 150 -18.36 16.88 -43.87
N ALA B 151 -18.96 17.55 -44.85
CA ALA B 151 -20.15 17.06 -45.55
C ALA B 151 -19.73 16.39 -46.84
N THR B 152 -20.09 15.13 -47.01
CA THR B 152 -19.75 14.34 -48.18
C THR B 152 -21.03 13.82 -48.85
N LYS B 153 -20.85 13.06 -49.93
CA LYS B 153 -21.98 12.48 -50.64
C LYS B 153 -22.58 11.28 -49.92
N ASP B 154 -21.85 10.69 -48.97
CA ASP B 154 -22.29 9.48 -48.28
C ASP B 154 -22.55 9.73 -46.80
N GLY B 155 -22.75 10.99 -46.40
CA GLY B 155 -22.97 11.36 -45.03
C GLY B 155 -22.01 12.45 -44.61
N ASP B 156 -22.02 12.74 -43.31
CA ASP B 156 -21.19 13.80 -42.74
C ASP B 156 -20.22 13.21 -41.72
N HIS B 157 -18.97 13.66 -41.78
CA HIS B 157 -17.95 13.30 -40.80
C HIS B 157 -17.81 14.44 -39.80
N LEU B 158 -17.55 14.07 -38.54
CA LEU B 158 -17.37 15.05 -37.47
C LEU B 158 -16.05 14.79 -36.78
N LEU B 159 -15.15 15.77 -36.81
CA LEU B 159 -13.86 15.69 -36.17
C LEU B 159 -13.90 16.48 -34.86
N VAL B 160 -13.43 15.86 -33.78
CA VAL B 160 -13.38 16.48 -32.47
C VAL B 160 -11.95 16.36 -31.96
N ALA B 161 -11.21 17.46 -31.98
CA ALA B 161 -9.81 17.48 -31.57
C ALA B 161 -9.66 18.38 -30.35
N ILE B 162 -9.11 17.82 -29.28
CA ILE B 162 -8.87 18.56 -28.04
C ILE B 162 -7.42 18.36 -27.64
N HIS B 163 -6.79 19.42 -27.14
CA HIS B 163 -5.42 19.34 -26.69
C HIS B 163 -5.31 18.37 -25.51
N HIS B 164 -4.23 17.58 -25.50
CA HIS B 164 -4.08 16.50 -24.52
C HIS B 164 -3.98 17.00 -23.09
N LEU B 165 -3.75 18.30 -22.88
CA LEU B 165 -3.59 18.82 -21.53
C LEU B 165 -4.88 18.76 -20.70
N VAL B 166 -6.02 18.49 -21.32
CA VAL B 166 -7.30 18.56 -20.62
C VAL B 166 -8.18 17.36 -20.95
N VAL B 167 -7.60 16.32 -21.54
CA VAL B 167 -8.35 15.12 -21.91
C VAL B 167 -7.49 13.88 -21.71
N ASP B 168 -8.16 12.74 -21.60
CA ASP B 168 -7.52 11.43 -21.61
C ASP B 168 -8.51 10.41 -22.13
N GLY B 169 -8.15 9.13 -22.03
CA GLY B 169 -9.02 8.08 -22.55
C GLY B 169 -10.36 8.00 -21.84
N VAL B 170 -10.36 8.22 -20.52
CA VAL B 170 -11.61 8.18 -19.76
C VAL B 170 -12.48 9.39 -20.09
N SER B 171 -11.87 10.55 -20.35
CA SER B 171 -12.64 11.73 -20.67
C SER B 171 -13.39 11.59 -21.99
N TRP B 172 -12.83 10.85 -22.94
CA TRP B 172 -13.50 10.68 -24.23
C TRP B 172 -14.77 9.85 -24.11
N ARG B 173 -14.79 8.88 -23.19
CA ARG B 173 -16.01 8.11 -22.96
C ARG B 173 -17.11 8.97 -22.34
N ILE B 174 -16.73 9.92 -21.48
CA ILE B 174 -17.71 10.85 -20.92
C ILE B 174 -18.18 11.83 -21.98
N LEU B 175 -17.24 12.29 -22.82
CA LEU B 175 -17.60 13.20 -23.90
C LEU B 175 -18.55 12.55 -24.90
N PHE B 176 -18.41 11.24 -25.12
CA PHE B 176 -19.33 10.54 -26.00
C PHE B 176 -20.71 10.41 -25.37
N GLU B 177 -20.76 10.17 -24.05
CA GLU B 177 -22.04 10.06 -23.36
C GLU B 177 -22.79 11.39 -23.39
N ASP B 178 -22.09 12.49 -23.11
CA ASP B 178 -22.75 13.79 -22.99
C ASP B 178 -23.09 14.39 -24.34
N PHE B 179 -22.33 14.05 -25.39
CA PHE B 179 -22.65 14.61 -26.71
C PHE B 179 -23.88 13.93 -27.31
N SER B 180 -23.95 12.60 -27.24
CA SER B 180 -25.13 11.90 -27.74
C SER B 180 -26.36 12.29 -26.96
N SER B 181 -26.22 12.53 -25.66
CA SER B 181 -27.34 13.01 -24.86
C SER B 181 -27.75 14.42 -25.27
N ALA B 182 -26.77 15.32 -25.39
CA ALA B 182 -27.08 16.70 -25.75
C ALA B 182 -27.61 16.80 -27.18
N TYR B 183 -27.14 15.95 -28.09
CA TYR B 183 -27.65 15.97 -29.46
C TYR B 183 -29.08 15.46 -29.52
N SER B 184 -29.41 14.47 -28.70
CA SER B 184 -30.77 13.92 -28.71
C SER B 184 -31.77 14.90 -28.08
N GLN B 185 -31.34 15.62 -27.05
CA GLN B 185 -32.25 16.59 -26.42
C GLN B 185 -32.43 17.82 -27.30
N ALA B 186 -31.38 18.25 -27.99
CA ALA B 186 -31.49 19.40 -28.87
C ALA B 186 -32.29 19.08 -30.12
N LEU B 187 -32.21 17.82 -30.60
CA LEU B 187 -32.99 17.44 -31.77
C LEU B 187 -34.49 17.50 -31.50
N HIS B 188 -34.91 17.00 -30.33
CA HIS B 188 -36.30 17.07 -29.91
C HIS B 188 -36.68 18.45 -29.36
N GLN B 189 -35.78 19.43 -29.48
CA GLN B 189 -36.02 20.80 -29.03
C GLN B 189 -36.40 20.83 -27.54
N GLN B 190 -35.49 20.32 -26.72
CA GLN B 190 -35.62 20.35 -25.27
C GLN B 190 -34.40 21.03 -24.68
N GLU B 191 -34.57 21.62 -23.49
CA GLU B 191 -33.47 22.25 -22.79
C GLU B 191 -32.46 21.17 -22.38
N ILE B 192 -31.22 21.34 -22.83
CA ILE B 192 -30.19 20.32 -22.61
C ILE B 192 -29.87 20.22 -21.13
N VAL B 193 -29.96 19.00 -20.58
CA VAL B 193 -29.62 18.73 -19.19
C VAL B 193 -28.69 17.53 -19.15
N LEU B 194 -27.59 17.66 -18.43
CA LEU B 194 -26.57 16.62 -18.32
C LEU B 194 -26.47 16.14 -16.88
N PRO B 195 -25.91 14.96 -16.65
CA PRO B 195 -25.77 14.46 -15.28
C PRO B 195 -24.99 15.43 -14.40
N LYS B 196 -25.14 15.24 -13.09
CA LYS B 196 -24.55 16.14 -12.12
C LYS B 196 -23.03 16.20 -12.25
N LYS B 197 -22.46 17.37 -11.99
CA LYS B 197 -21.02 17.55 -12.03
C LYS B 197 -20.37 16.80 -10.87
N THR B 198 -19.31 16.05 -11.16
CA THR B 198 -18.51 15.43 -10.12
C THR B 198 -17.43 16.42 -9.68
N ASP B 199 -16.39 15.95 -9.01
CA ASP B 199 -15.34 16.85 -8.52
C ASP B 199 -14.63 17.52 -9.70
N SER B 200 -14.44 18.84 -9.58
CA SER B 200 -13.79 19.60 -10.63
C SER B 200 -12.32 19.21 -10.74
N PHE B 201 -11.73 19.55 -11.89
CA PHE B 201 -10.30 19.34 -12.07
C PHE B 201 -9.49 20.23 -11.15
N LYS B 202 -10.04 21.38 -10.75
CA LYS B 202 -9.35 22.24 -9.79
C LYS B 202 -9.32 21.60 -8.40
N ASP B 203 -10.41 20.95 -7.99
CA ASP B 203 -10.44 20.29 -6.70
C ASP B 203 -9.54 19.06 -6.67
N TRP B 204 -9.36 18.42 -7.83
CA TRP B 204 -8.49 17.25 -7.88
C TRP B 204 -7.03 17.63 -7.73
N ALA B 205 -6.62 18.75 -8.33
CA ALA B 205 -5.22 19.18 -8.23
C ALA B 205 -4.88 19.67 -6.83
N ALA B 206 -5.82 20.34 -6.17
CA ALA B 206 -5.56 20.82 -4.82
C ALA B 206 -5.39 19.67 -3.85
N GLN B 207 -6.21 18.62 -3.99
CA GLN B 207 -6.03 17.44 -3.15
C GLN B 207 -4.82 16.62 -3.59
N LEU B 208 -4.46 16.69 -4.87
CA LEU B 208 -3.28 15.98 -5.36
C LEU B 208 -2.01 16.52 -4.74
N GLN B 209 -1.99 17.81 -4.37
CA GLN B 209 -0.82 18.37 -3.70
C GLN B 209 -0.83 18.02 -2.21
N LYS B 210 -2.00 18.02 -1.58
CA LYS B 210 -2.08 17.60 -0.18
C LYS B 210 -1.69 16.13 -0.04
N TYR B 211 -2.10 15.30 -0.99
CA TYR B 211 -1.70 13.89 -0.97
C TYR B 211 -0.21 13.70 -1.20
N ALA B 212 0.45 14.66 -1.87
CA ALA B 212 1.88 14.56 -2.08
C ALA B 212 2.66 14.73 -0.78
N ASP B 213 2.09 15.46 0.19
CA ASP B 213 2.74 15.71 1.46
C ASP B 213 2.26 14.77 2.56
N SER B 214 1.46 13.78 2.23
CA SER B 214 0.95 12.85 3.22
C SER B 214 1.96 11.76 3.52
N ASP B 215 1.80 11.11 4.68
CA ASP B 215 2.67 10.00 5.04
C ASP B 215 2.24 8.69 4.42
N GLU B 216 1.00 8.60 3.92
CA GLU B 216 0.58 7.42 3.18
C GLU B 216 1.38 7.26 1.89
N LEU B 217 1.72 8.37 1.25
CA LEU B 217 2.51 8.31 0.03
C LEU B 217 3.96 7.94 0.32
N LEU B 218 4.50 8.40 1.46
CA LEU B 218 5.88 8.11 1.80
C LEU B 218 6.10 6.64 2.10
N ARG B 219 5.03 5.87 2.34
CA ARG B 219 5.17 4.44 2.53
C ARG B 219 5.47 3.71 1.22
N GLU B 220 5.35 4.39 0.08
CA GLU B 220 5.67 3.80 -1.21
C GLU B 220 7.13 3.93 -1.59
N VAL B 221 7.88 4.84 -0.94
CA VAL B 221 9.23 5.15 -1.38
C VAL B 221 10.14 3.94 -1.24
N ALA B 222 9.86 3.05 -0.29
CA ALA B 222 10.68 1.85 -0.13
C ALA B 222 10.50 0.91 -1.33
N TYR B 223 9.29 0.85 -1.89
CA TYR B 223 9.05 -0.03 -3.02
C TYR B 223 9.72 0.49 -4.29
N TRP B 224 9.56 1.78 -4.57
CA TRP B 224 10.11 2.33 -5.80
C TRP B 224 11.63 2.39 -5.76
N HIS B 225 12.23 2.63 -4.59
CA HIS B 225 13.68 2.66 -4.50
C HIS B 225 14.26 1.26 -4.68
N ASN B 226 13.64 0.24 -4.08
CA ASN B 226 14.10 -1.13 -4.27
C ASN B 226 14.01 -1.53 -5.73
N LEU B 227 12.89 -1.20 -6.39
CA LEU B 227 12.75 -1.49 -7.80
C LEU B 227 13.79 -0.74 -8.63
N GLU B 228 14.23 0.42 -8.16
CA GLU B 228 15.22 1.21 -8.91
C GLU B 228 16.59 0.55 -8.86
N THR B 229 16.98 0.03 -7.70
CA THR B 229 18.33 -0.48 -7.50
C THR B 229 18.46 -1.99 -7.74
N THR B 230 17.35 -2.70 -7.93
CA THR B 230 17.41 -4.15 -8.15
C THR B 230 17.28 -4.54 -9.61
N THR B 231 17.04 -3.60 -10.51
CA THR B 231 16.81 -3.87 -11.92
C THR B 231 18.01 -3.42 -12.75
N THR B 232 18.55 -4.34 -13.54
CA THR B 232 19.63 -4.04 -14.48
C THR B 232 19.03 -3.83 -15.85
N THR B 233 19.20 -2.62 -16.40
CA THR B 233 18.62 -2.31 -17.70
C THR B 233 19.51 -2.81 -18.82
N ALA B 234 18.88 -3.20 -19.93
CA ALA B 234 19.58 -3.65 -21.12
C ALA B 234 18.87 -3.03 -22.33
N ALA B 235 19.57 -2.16 -23.05
CA ALA B 235 18.96 -1.41 -24.13
C ALA B 235 18.46 -2.34 -25.23
N LEU B 236 17.49 -1.85 -26.00
CA LEU B 236 16.88 -2.59 -27.09
C LEU B 236 17.64 -2.36 -28.39
N PRO B 237 17.65 -3.36 -29.28
CA PRO B 237 18.31 -3.18 -30.58
C PRO B 237 17.42 -2.45 -31.56
N THR B 238 18.04 -1.59 -32.37
CA THR B 238 17.36 -0.86 -33.42
C THR B 238 18.03 -1.18 -34.77
N ASP B 239 17.28 -0.98 -35.84
CA ASP B 239 17.83 -1.21 -37.18
C ASP B 239 18.77 -0.09 -37.59
N PHE B 240 18.45 1.15 -37.23
CA PHE B 240 19.29 2.30 -37.53
C PHE B 240 19.56 3.07 -36.26
N VAL B 241 20.61 3.89 -36.30
CA VAL B 241 20.93 4.82 -35.21
C VAL B 241 20.85 6.23 -35.78
N THR B 242 20.31 7.15 -34.99
CA THR B 242 20.09 8.51 -35.46
C THR B 242 19.89 9.42 -34.27
N ALA B 243 20.18 10.71 -34.48
CA ALA B 243 19.92 11.75 -33.50
C ALA B 243 18.70 12.59 -33.86
N ASP B 244 17.80 12.04 -34.67
CA ASP B 244 16.60 12.74 -35.15
C ASP B 244 15.38 12.07 -34.54
N ARG B 245 14.65 12.83 -33.70
CA ARG B 245 13.51 12.30 -32.96
C ARG B 245 12.20 12.97 -33.34
N LYS B 246 12.14 13.61 -34.51
CA LYS B 246 10.92 14.29 -34.92
C LYS B 246 9.79 13.29 -35.12
N GLN B 247 8.57 13.73 -34.81
CA GLN B 247 7.39 12.90 -35.05
C GLN B 247 7.04 12.78 -36.53
N LYS B 248 7.70 13.55 -37.40
CA LYS B 248 7.50 13.41 -38.84
C LYS B 248 7.92 12.03 -39.33
N HIS B 249 8.81 11.35 -38.61
CA HIS B 249 9.28 10.03 -38.97
C HIS B 249 8.51 8.91 -38.26
N THR B 250 7.41 9.24 -37.59
CA THR B 250 6.66 8.25 -36.85
C THR B 250 5.72 7.49 -37.77
N ARG B 251 5.78 6.16 -37.70
CA ARG B 251 4.89 5.28 -38.46
C ARG B 251 4.23 4.30 -37.50
N THR B 252 3.02 3.89 -37.86
CA THR B 252 2.22 3.01 -37.03
C THR B 252 1.98 1.69 -37.75
N LEU B 253 2.04 0.59 -37.00
CA LEU B 253 1.74 -0.74 -37.50
C LEU B 253 0.82 -1.43 -36.50
N SER B 254 -0.41 -1.71 -36.92
CA SER B 254 -1.43 -2.22 -36.03
C SER B 254 -1.99 -3.54 -36.55
N PHE B 255 -2.44 -4.37 -35.61
CA PHE B 255 -3.18 -5.59 -35.92
C PHE B 255 -4.43 -5.63 -35.06
N ALA B 256 -5.39 -6.46 -35.47
CA ALA B 256 -6.67 -6.54 -34.79
C ALA B 256 -7.13 -7.99 -34.70
N LEU B 257 -7.51 -8.41 -33.50
CA LEU B 257 -8.17 -9.70 -33.35
C LEU B 257 -9.60 -9.62 -33.87
N THR B 258 -10.19 -10.77 -34.13
CA THR B 258 -11.57 -10.79 -34.59
C THR B 258 -12.52 -10.57 -33.40
N VAL B 259 -13.79 -10.35 -33.73
CA VAL B 259 -14.79 -10.10 -32.69
C VAL B 259 -14.94 -11.30 -31.76
N PRO B 260 -15.06 -12.55 -32.23
CA PRO B 260 -15.11 -13.68 -31.28
C PRO B 260 -13.85 -13.83 -30.45
N GLN B 261 -12.69 -13.43 -30.97
CA GLN B 261 -11.46 -13.55 -30.19
C GLN B 261 -11.43 -12.53 -29.05
N THR B 262 -11.95 -11.33 -29.29
CA THR B 262 -11.93 -10.30 -28.26
C THR B 262 -12.89 -10.63 -27.12
N GLU B 263 -14.09 -11.12 -27.45
CA GLU B 263 -15.06 -11.46 -26.42
C GLU B 263 -14.53 -12.55 -25.49
N ASN B 264 -13.81 -13.53 -26.04
CA ASN B 264 -13.17 -14.55 -25.21
C ASN B 264 -12.16 -13.91 -24.27
N LEU B 265 -11.41 -12.92 -24.76
CA LEU B 265 -10.46 -12.19 -23.92
C LEU B 265 -11.16 -11.37 -22.84
N LEU B 266 -12.43 -11.03 -23.05
CA LEU B 266 -13.18 -10.18 -22.13
C LEU B 266 -14.03 -10.95 -21.14
N ARG B 267 -14.60 -12.08 -21.53
CA ARG B 267 -15.63 -12.76 -20.77
C ARG B 267 -15.17 -14.03 -20.09
N HIS B 268 -14.42 -14.89 -20.76
CA HIS B 268 -14.17 -16.25 -20.30
C HIS B 268 -12.78 -16.49 -19.73
N VAL B 269 -11.75 -15.80 -20.23
CA VAL B 269 -10.39 -16.13 -19.87
C VAL B 269 -10.03 -15.70 -18.45
N HIS B 270 -10.79 -14.79 -17.85
CA HIS B 270 -10.34 -14.09 -16.66
C HIS B 270 -10.49 -14.90 -15.37
N HIS B 271 -11.26 -15.99 -15.37
CA HIS B 271 -11.38 -16.80 -14.17
C HIS B 271 -10.30 -17.87 -14.06
N ALA B 272 -9.62 -18.20 -15.17
CA ALA B 272 -8.58 -19.21 -15.16
C ALA B 272 -7.49 -18.90 -14.13
N TYR B 273 -7.21 -17.62 -13.91
CA TYR B 273 -6.22 -17.22 -12.91
C TYR B 273 -6.67 -15.99 -12.12
N HIS B 274 -7.94 -15.62 -12.20
CA HIS B 274 -8.49 -14.46 -11.49
C HIS B 274 -7.71 -13.19 -11.81
N THR B 275 -7.42 -12.99 -13.10
CA THR B 275 -6.65 -11.86 -13.58
C THR B 275 -7.56 -10.80 -14.17
N GLU B 276 -6.95 -9.73 -14.67
CA GLU B 276 -7.68 -8.68 -15.37
C GLU B 276 -7.02 -8.40 -16.71
N MET B 277 -7.45 -7.34 -17.40
CA MET B 277 -7.04 -7.12 -18.79
C MET B 277 -5.54 -6.84 -18.89
N ASN B 278 -5.04 -5.93 -18.06
CA ASN B 278 -3.62 -5.56 -18.13
C ASN B 278 -2.70 -6.72 -17.78
N ASP B 279 -3.18 -7.69 -17.00
CA ASP B 279 -2.34 -8.83 -16.62
C ASP B 279 -2.01 -9.70 -17.83
N LEU B 280 -2.97 -9.87 -18.74
CA LEU B 280 -2.77 -10.77 -19.86
C LEU B 280 -2.02 -10.11 -21.02
N LEU B 281 -2.32 -8.83 -21.29
CA LEU B 281 -1.66 -8.16 -22.41
C LEU B 281 -0.19 -7.91 -22.11
N LEU B 282 0.15 -7.58 -20.87
CA LEU B 282 1.55 -7.37 -20.51
C LEU B 282 2.33 -8.69 -20.52
N THR B 283 1.65 -9.80 -20.22
CA THR B 283 2.31 -11.10 -20.29
C THR B 283 2.69 -11.45 -21.72
N ALA B 284 1.77 -11.21 -22.67
CA ALA B 284 2.09 -11.44 -24.07
C ALA B 284 3.14 -10.47 -24.58
N LEU B 285 3.21 -9.26 -23.99
CA LEU B 285 4.21 -8.29 -24.42
C LEU B 285 5.61 -8.72 -24.02
N GLY B 286 5.77 -9.29 -22.83
CA GLY B 286 7.07 -9.77 -22.41
C GLY B 286 7.60 -10.88 -23.29
N LEU B 287 6.74 -11.84 -23.64
CA LEU B 287 7.16 -12.92 -24.53
C LEU B 287 7.41 -12.42 -25.94
N ALA B 288 6.70 -11.36 -26.35
CA ALA B 288 6.92 -10.79 -27.68
C ALA B 288 8.29 -10.12 -27.76
N VAL B 289 8.64 -9.33 -26.74
CA VAL B 289 9.94 -8.68 -26.73
C VAL B 289 11.06 -9.70 -26.59
N LYS B 290 10.81 -10.80 -25.85
CA LYS B 290 11.82 -11.83 -25.70
C LYS B 290 12.11 -12.53 -27.03
N ASP B 291 11.06 -12.83 -27.80
CA ASP B 291 11.27 -13.47 -29.09
C ASP B 291 11.79 -12.50 -30.15
N TRP B 292 11.68 -11.19 -29.91
CA TRP B 292 12.07 -10.18 -30.87
C TRP B 292 13.45 -9.58 -30.59
N ALA B 293 13.71 -9.21 -29.33
CA ALA B 293 14.98 -8.61 -28.96
C ALA B 293 15.94 -9.61 -28.33
N HIS B 294 15.52 -10.86 -28.15
CA HIS B 294 16.33 -11.89 -27.51
C HIS B 294 16.80 -11.45 -26.12
N THR B 295 15.85 -10.99 -25.31
CA THR B 295 16.12 -10.49 -23.97
C THR B 295 15.31 -11.27 -22.95
N ASN B 296 15.85 -11.34 -21.74
CA ASN B 296 15.19 -12.01 -20.62
C ASN B 296 14.46 -11.05 -19.70
N GLY B 297 14.44 -9.75 -20.03
CA GLY B 297 13.78 -8.76 -19.22
C GLY B 297 13.86 -7.38 -19.83
N VAL B 298 12.82 -6.57 -19.64
CA VAL B 298 12.76 -5.23 -20.20
C VAL B 298 11.86 -4.38 -19.32
N VAL B 299 12.20 -3.09 -19.22
CA VAL B 299 11.46 -2.14 -18.41
C VAL B 299 10.47 -1.40 -19.30
N ILE B 300 9.20 -1.40 -18.90
CA ILE B 300 8.13 -0.78 -19.66
C ILE B 300 7.56 0.39 -18.88
N ASN B 301 7.24 1.47 -19.58
CA ASN B 301 6.62 2.65 -18.99
C ASN B 301 5.11 2.46 -19.08
N LEU B 302 4.52 1.88 -18.04
CA LEU B 302 3.10 1.59 -18.03
C LEU B 302 2.30 2.84 -17.71
N GLU B 303 1.18 3.01 -18.41
CA GLU B 303 0.30 4.16 -18.24
C GLU B 303 -1.07 3.69 -17.77
N GLY B 304 -1.62 4.40 -16.78
CA GLY B 304 -2.91 4.05 -16.21
C GLY B 304 -3.84 5.25 -16.19
N HIS B 305 -5.11 4.97 -15.87
CA HIS B 305 -6.11 6.01 -15.85
C HIS B 305 -5.82 7.06 -14.78
N GLY B 306 -5.16 6.67 -13.69
CA GLY B 306 -4.70 7.62 -12.70
C GLY B 306 -5.79 8.31 -11.90
N ARG B 307 -6.97 7.70 -11.80
CA ARG B 307 -8.04 8.27 -10.99
C ARG B 307 -8.25 7.42 -9.74
N GLU B 308 -7.21 7.32 -8.91
CA GLU B 308 -7.23 6.45 -7.75
C GLU B 308 -7.66 7.23 -6.50
N ASP B 309 -7.70 6.53 -5.37
CA ASP B 309 -8.04 7.13 -4.08
C ASP B 309 -6.87 8.00 -3.63
N ILE B 310 -7.09 9.31 -3.57
CA ILE B 310 -6.07 10.25 -3.11
C ILE B 310 -6.54 10.92 -1.83
N GLN B 311 -7.30 10.17 -1.02
CA GLN B 311 -7.89 10.64 0.23
C GLN B 311 -8.93 11.73 -0.02
N ASN B 312 -9.60 12.17 1.05
CA ASN B 312 -10.62 13.22 1.02
C ASN B 312 -11.83 12.83 0.19
N GLU B 313 -12.00 11.53 -0.09
CA GLU B 313 -13.21 11.00 -0.75
C GLU B 313 -13.49 11.71 -2.07
N MET B 314 -12.45 11.82 -2.91
CA MET B 314 -12.62 12.47 -4.20
C MET B 314 -13.41 11.57 -5.15
N ASN B 315 -14.19 12.22 -6.01
CA ASN B 315 -15.06 11.53 -6.97
C ASN B 315 -14.88 12.19 -8.33
N VAL B 316 -14.12 11.56 -9.23
CA VAL B 316 -13.86 12.12 -10.55
C VAL B 316 -14.31 11.14 -11.62
N THR B 317 -15.42 10.44 -11.38
CA THR B 317 -15.91 9.46 -12.35
C THR B 317 -16.46 10.12 -13.59
N ARG B 318 -16.95 11.36 -13.48
CA ARG B 318 -17.48 12.10 -14.63
C ARG B 318 -16.75 13.42 -14.83
N THR B 319 -15.45 13.45 -14.51
CA THR B 319 -14.64 14.64 -14.65
C THR B 319 -13.76 14.50 -15.89
N ILE B 320 -13.85 15.48 -16.79
CA ILE B 320 -13.02 15.49 -17.98
C ILE B 320 -11.69 16.16 -17.65
N GLY B 321 -10.60 15.53 -18.06
CA GLY B 321 -9.29 16.09 -17.81
C GLY B 321 -8.22 15.08 -18.19
N TRP B 322 -6.97 15.49 -17.95
CA TRP B 322 -5.81 14.63 -18.19
C TRP B 322 -5.36 14.06 -16.85
N PHE B 323 -5.79 12.83 -16.56
CA PHE B 323 -5.50 12.16 -15.30
C PHE B 323 -4.47 11.04 -15.46
N THR B 324 -3.82 10.95 -16.61
CA THR B 324 -2.94 9.82 -16.90
C THR B 324 -1.76 9.80 -15.94
N SER B 325 -1.51 8.64 -15.35
CA SER B 325 -0.35 8.41 -14.50
C SER B 325 0.54 7.35 -15.15
N GLN B 326 1.86 7.54 -15.04
CA GLN B 326 2.81 6.60 -15.62
C GLN B 326 3.84 6.19 -14.57
N TYR B 327 4.33 4.97 -14.69
CA TYR B 327 5.24 4.40 -13.71
C TYR B 327 5.99 3.23 -14.36
N PRO B 328 7.24 3.00 -13.99
CA PRO B 328 8.00 1.89 -14.58
C PRO B 328 7.59 0.55 -14.00
N VAL B 329 7.51 -0.45 -14.87
CA VAL B 329 7.20 -1.83 -14.50
C VAL B 329 8.27 -2.73 -15.12
N VAL B 330 8.80 -3.65 -14.33
CA VAL B 330 9.85 -4.56 -14.76
C VAL B 330 9.21 -5.93 -15.01
N LEU B 331 9.41 -6.45 -16.22
CA LEU B 331 8.88 -7.76 -16.60
C LEU B 331 10.04 -8.71 -16.88
N ASP B 332 9.97 -9.91 -16.31
CA ASP B 332 11.00 -10.92 -16.46
C ASP B 332 10.42 -12.11 -17.19
N MET B 333 11.06 -12.50 -18.29
CA MET B 333 10.63 -13.64 -19.11
C MET B 333 11.71 -14.70 -19.19
N GLU B 334 12.34 -14.99 -18.05
CA GLU B 334 13.47 -15.94 -18.04
C GLU B 334 13.02 -17.35 -18.38
N LYS B 335 11.83 -17.75 -17.95
CA LYS B 335 11.28 -19.08 -18.21
C LYS B 335 10.01 -18.89 -19.04
N ALA B 336 10.17 -18.78 -20.35
CA ALA B 336 9.05 -18.54 -21.24
C ALA B 336 8.30 -19.81 -21.62
N GLU B 337 8.83 -20.99 -21.29
CA GLU B 337 8.16 -22.24 -21.67
C GLU B 337 6.88 -22.44 -20.89
N ASP B 338 6.97 -22.51 -19.57
CA ASP B 338 5.79 -22.71 -18.73
C ASP B 338 4.96 -21.43 -18.71
N LEU B 339 3.79 -21.47 -19.34
CA LEU B 339 2.91 -20.33 -19.48
C LEU B 339 2.19 -19.94 -18.19
N PRO B 340 1.65 -20.89 -17.40
CA PRO B 340 0.96 -20.50 -16.17
C PRO B 340 1.84 -19.72 -15.19
N TYR B 341 3.15 -19.98 -15.17
CA TYR B 341 4.03 -19.23 -14.27
C TYR B 341 4.13 -17.77 -14.71
N GLN B 342 4.35 -17.53 -16.00
CA GLN B 342 4.46 -16.16 -16.50
C GLN B 342 3.16 -15.40 -16.33
N ILE B 343 2.02 -16.08 -16.44
CA ILE B 343 0.73 -15.44 -16.18
C ILE B 343 0.61 -15.09 -14.70
N LYS B 344 1.05 -16.00 -13.82
CA LYS B 344 0.98 -15.73 -12.39
C LYS B 344 2.11 -14.83 -11.92
N GLN B 345 3.28 -14.88 -12.57
CA GLN B 345 4.37 -13.98 -12.20
C GLN B 345 4.04 -12.54 -12.56
N THR B 346 3.39 -12.32 -13.71
CA THR B 346 3.02 -10.97 -14.11
C THR B 346 1.96 -10.38 -13.20
N LYS B 347 0.99 -11.20 -12.78
CA LYS B 347 -0.08 -10.70 -11.92
C LYS B 347 0.46 -10.29 -10.55
N GLU B 348 1.29 -11.15 -9.94
CA GLU B 348 1.91 -10.79 -8.67
C GLU B 348 2.78 -9.54 -8.80
N ASN B 349 3.43 -9.37 -9.95
CA ASN B 349 4.22 -8.18 -10.19
C ASN B 349 3.35 -6.93 -10.24
N LEU B 350 2.14 -7.05 -10.79
CA LEU B 350 1.26 -5.90 -10.91
C LEU B 350 0.47 -5.65 -9.62
N ARG B 351 -0.01 -6.72 -8.98
CA ARG B 351 -0.75 -6.55 -7.74
C ARG B 351 0.13 -6.01 -6.62
N ARG B 352 1.44 -6.24 -6.69
CA ARG B 352 2.36 -5.72 -5.68
C ARG B 352 2.52 -4.20 -5.78
N ILE B 353 2.22 -3.62 -6.93
CA ILE B 353 2.37 -2.16 -7.09
C ILE B 353 1.31 -1.46 -6.24
N PRO B 354 1.69 -0.45 -5.45
CA PRO B 354 0.70 0.24 -4.61
C PRO B 354 -0.09 1.27 -5.39
N LYS B 355 -1.42 1.15 -5.32
CA LYS B 355 -2.35 2.18 -5.80
C LYS B 355 -2.16 2.47 -7.29
N LYS B 356 -2.01 1.40 -8.09
CA LYS B 356 -1.91 1.51 -9.54
C LYS B 356 -0.77 2.44 -9.96
N GLY B 357 0.31 2.48 -9.17
CA GLY B 357 1.49 3.23 -9.53
C GLY B 357 1.29 4.73 -9.59
N ILE B 358 0.19 5.25 -9.05
CA ILE B 358 -0.09 6.68 -9.15
C ILE B 358 0.92 7.51 -8.38
N GLY B 359 1.58 6.93 -7.37
CA GLY B 359 2.49 7.69 -6.53
C GLY B 359 3.87 7.93 -7.09
N TYR B 360 4.21 7.32 -8.22
CA TYR B 360 5.56 7.49 -8.77
C TYR B 360 5.77 8.92 -9.28
N GLU B 361 4.83 9.41 -10.09
N GLU B 361 4.83 9.43 -10.08
CA GLU B 361 4.95 10.77 -10.62
CA GLU B 361 4.98 10.77 -10.61
C GLU B 361 4.76 11.82 -9.53
C GLU B 361 4.61 11.86 -9.61
N ILE B 362 3.93 11.52 -8.51
CA ILE B 362 3.67 12.50 -7.47
C ILE B 362 4.88 12.65 -6.57
N LEU B 363 5.64 11.57 -6.36
CA LEU B 363 6.88 11.68 -5.59
C LEU B 363 7.97 12.35 -6.41
N ARG B 364 7.88 12.26 -7.74
CA ARG B 364 8.91 12.80 -8.61
C ARG B 364 8.74 14.28 -8.92
N THR B 365 7.52 14.80 -8.85
CA THR B 365 7.24 16.17 -9.24
C THR B 365 6.55 17.02 -8.17
N LEU B 366 5.90 16.42 -7.18
CA LEU B 366 5.12 17.18 -6.21
C LEU B 366 5.64 17.11 -4.79
N THR B 367 6.18 15.98 -4.35
CA THR B 367 6.68 15.86 -2.98
C THR B 367 7.90 16.74 -2.80
N THR B 368 7.93 17.49 -1.68
CA THR B 368 8.97 18.47 -1.42
C THR B 368 9.80 18.13 -0.19
N SER B 369 10.01 16.84 0.07
CA SER B 369 10.81 16.40 1.21
C SER B 369 11.79 15.33 0.76
N GLN B 370 12.97 15.31 1.41
CA GLN B 370 13.95 14.29 1.14
C GLN B 370 13.41 12.93 1.57
N LEU B 371 13.27 12.02 0.61
CA LEU B 371 12.60 10.75 0.86
C LEU B 371 13.51 9.78 1.62
N GLN B 372 12.89 8.73 2.19
CA GLN B 372 13.61 7.90 3.16
C GLN B 372 14.77 7.14 2.51
N PRO B 373 14.55 6.29 1.51
CA PRO B 373 15.69 5.82 0.72
C PRO B 373 15.91 6.74 -0.47
N PRO B 374 17.16 7.19 -0.70
CA PRO B 374 17.42 8.14 -1.78
C PRO B 374 16.89 7.69 -3.13
N LEU B 375 15.61 8.01 -3.40
CA LEU B 375 14.97 7.66 -4.66
C LEU B 375 15.30 8.72 -5.70
N ALA B 376 16.04 8.33 -6.74
CA ALA B 376 16.52 9.27 -7.73
C ALA B 376 15.79 9.18 -9.06
N PHE B 377 14.87 8.22 -9.23
CA PHE B 377 14.09 8.04 -10.45
C PHE B 377 15.02 7.88 -11.66
N THR B 378 15.74 6.75 -11.66
CA THR B 378 16.73 6.47 -12.67
C THR B 378 16.27 5.48 -13.74
N LEU B 379 15.12 4.84 -13.54
CA LEU B 379 14.60 3.92 -14.55
C LEU B 379 14.13 4.71 -15.77
N ARG B 380 14.73 4.45 -16.93
CA ARG B 380 14.39 5.10 -18.19
C ARG B 380 13.87 4.04 -19.15
N PRO B 381 12.60 3.66 -19.04
CA PRO B 381 12.05 2.65 -19.96
C PRO B 381 11.97 3.19 -21.38
N GLU B 382 12.30 2.33 -22.33
CA GLU B 382 12.24 2.68 -23.75
C GLU B 382 10.95 2.26 -24.43
N ILE B 383 10.09 1.51 -23.74
CA ILE B 383 8.79 1.11 -24.26
C ILE B 383 7.71 1.63 -23.32
N SER B 384 6.64 2.16 -23.90
CA SER B 384 5.47 2.57 -23.15
C SER B 384 4.29 1.68 -23.53
N PHE B 385 3.35 1.53 -22.59
CA PHE B 385 2.14 0.77 -22.83
C PHE B 385 0.95 1.54 -22.28
N ASN B 386 -0.15 1.54 -23.03
CA ASN B 386 -1.35 2.25 -22.63
C ASN B 386 -2.56 1.48 -23.13
N TYR B 387 -3.30 0.88 -22.21
CA TYR B 387 -4.57 0.23 -22.54
C TYR B 387 -5.70 1.24 -22.33
N LEU B 388 -6.40 1.59 -23.41
CA LEU B 388 -7.42 2.63 -23.33
C LEU B 388 -8.75 2.09 -22.81
N GLY B 389 -9.06 0.83 -23.09
CA GLY B 389 -10.31 0.25 -22.64
C GLY B 389 -11.26 -0.04 -23.78
N GLN B 390 -12.56 0.07 -23.52
CA GLN B 390 -13.60 -0.18 -24.52
C GLN B 390 -14.28 1.12 -24.90
N PHE B 391 -14.56 1.28 -26.19
CA PHE B 391 -15.24 2.45 -26.71
C PHE B 391 -16.39 2.00 -27.60
N GLU B 392 -17.56 2.61 -27.42
CA GLU B 392 -18.77 2.20 -28.11
C GLU B 392 -19.46 3.43 -28.70
N SER B 393 -19.87 3.33 -29.95
CA SER B 393 -20.63 4.39 -30.61
C SER B 393 -22.13 4.07 -30.49
N ASP B 394 -22.96 4.73 -31.30
CA ASP B 394 -24.40 4.52 -31.25
C ASP B 394 -24.95 4.09 -32.60
N GLY B 395 -24.20 3.24 -33.30
CA GLY B 395 -24.67 2.67 -34.56
C GLY B 395 -25.85 1.75 -34.42
N LYS B 396 -26.16 1.28 -33.20
CA LYS B 396 -27.34 0.48 -32.98
C LYS B 396 -28.62 1.31 -33.15
N THR B 397 -28.62 2.53 -32.63
CA THR B 397 -29.78 3.40 -32.69
C THR B 397 -29.83 4.21 -33.97
N GLY B 398 -29.01 3.89 -34.95
CA GLY B 398 -28.88 4.72 -36.12
C GLY B 398 -28.28 6.08 -35.83
N GLY B 399 -27.47 6.18 -34.79
CA GLY B 399 -26.85 7.43 -34.41
C GLY B 399 -25.50 7.66 -35.05
N PHE B 400 -24.50 8.00 -34.26
CA PHE B 400 -23.17 8.28 -34.76
C PHE B 400 -22.27 7.06 -34.61
N THR B 401 -21.25 6.99 -35.46
CA THR B 401 -20.28 5.90 -35.44
C THR B 401 -18.89 6.46 -35.68
N PHE B 402 -17.88 5.63 -35.43
CA PHE B 402 -16.51 6.03 -35.68
C PHE B 402 -16.23 6.03 -37.19
N SER B 403 -15.65 7.12 -37.68
CA SER B 403 -15.42 7.24 -39.11
C SER B 403 -14.16 6.47 -39.51
N PRO B 404 -14.16 5.84 -40.70
CA PRO B 404 -12.97 5.11 -41.14
C PRO B 404 -11.82 6.00 -41.60
N LEU B 405 -11.99 7.31 -41.60
CA LEU B 405 -10.94 8.22 -42.03
C LEU B 405 -10.03 8.56 -40.85
N GLY B 406 -8.81 8.99 -41.18
CA GLY B 406 -7.87 9.38 -40.15
C GLY B 406 -8.20 10.73 -39.55
N THR B 407 -7.75 10.91 -38.30
CA THR B 407 -7.98 12.17 -37.59
C THR B 407 -7.06 13.29 -38.05
N GLY B 408 -6.02 12.97 -38.82
CA GLY B 408 -4.95 13.91 -39.06
C GLY B 408 -3.83 13.75 -38.05
N GLN B 409 -2.71 14.39 -38.34
CA GLN B 409 -1.54 14.27 -37.48
C GLN B 409 -1.78 14.98 -36.15
N LEU B 410 -1.57 14.24 -35.05
CA LEU B 410 -1.94 14.72 -33.73
C LEU B 410 -0.81 15.48 -33.02
N PHE B 411 0.44 15.14 -33.31
CA PHE B 411 1.58 15.80 -32.69
C PHE B 411 2.29 16.69 -33.70
N SER B 412 3.07 17.62 -33.20
CA SER B 412 3.79 18.53 -34.09
C SER B 412 4.78 17.74 -34.93
N PRO B 413 4.91 18.07 -36.22
CA PRO B 413 5.92 17.38 -37.05
C PRO B 413 7.33 17.55 -36.52
N GLU B 414 7.64 18.68 -35.90
CA GLU B 414 8.94 18.91 -35.29
C GLU B 414 9.00 18.51 -33.83
N SER B 415 7.94 17.90 -33.30
CA SER B 415 7.92 17.46 -31.92
C SER B 415 8.85 16.27 -31.71
N GLU B 416 9.45 16.22 -30.53
CA GLU B 416 10.44 15.20 -30.20
C GLU B 416 9.77 13.97 -29.63
N ARG B 417 10.11 12.80 -30.17
CA ARG B 417 9.62 11.55 -29.62
C ARG B 417 10.30 11.27 -28.28
N VAL B 418 9.54 10.70 -27.35
CA VAL B 418 10.03 10.42 -26.01
C VAL B 418 10.44 8.97 -25.85
N PHE B 419 9.65 8.04 -26.39
CA PHE B 419 9.89 6.61 -26.23
C PHE B 419 10.30 5.99 -27.56
N LEU B 420 11.12 4.94 -27.47
CA LEU B 420 11.54 4.21 -28.66
C LEU B 420 10.37 3.54 -29.35
N LEU B 421 9.40 3.04 -28.58
CA LEU B 421 8.22 2.39 -29.11
C LEU B 421 7.02 2.76 -28.27
N ASP B 422 5.99 3.32 -28.91
CA ASP B 422 4.72 3.60 -28.26
C ASP B 422 3.74 2.50 -28.64
N ILE B 423 3.22 1.79 -27.65
CA ILE B 423 2.30 0.69 -27.86
C ILE B 423 0.99 1.01 -27.14
N SER B 424 -0.13 0.93 -27.86
CA SER B 424 -1.44 1.22 -27.32
C SER B 424 -2.38 0.06 -27.59
N ALA B 425 -3.43 -0.04 -26.79
CA ALA B 425 -4.40 -1.11 -26.90
C ALA B 425 -5.79 -0.57 -26.59
N MET B 426 -6.76 -0.92 -27.43
CA MET B 426 -8.13 -0.47 -27.22
C MET B 426 -9.07 -1.43 -27.92
N ILE B 427 -10.32 -1.44 -27.46
CA ILE B 427 -11.39 -2.24 -28.04
C ILE B 427 -12.45 -1.27 -28.54
N GLU B 428 -12.64 -1.20 -29.86
CA GLU B 428 -13.60 -0.28 -30.45
C GLU B 428 -14.69 -1.10 -31.12
N ASP B 429 -15.89 -1.05 -30.54
CA ASP B 429 -17.04 -1.81 -31.04
C ASP B 429 -16.70 -3.29 -31.24
N GLY B 430 -16.24 -3.93 -30.16
CA GLY B 430 -16.06 -5.38 -30.15
C GLY B 430 -14.73 -5.89 -30.64
N GLU B 431 -13.89 -5.03 -31.23
CA GLU B 431 -12.66 -5.46 -31.87
C GLU B 431 -11.46 -4.83 -31.16
N LEU B 432 -10.58 -5.68 -30.63
CA LEU B 432 -9.38 -5.20 -29.98
C LEU B 432 -8.31 -4.91 -31.02
N ARG B 433 -7.75 -3.70 -30.96
CA ARG B 433 -6.69 -3.28 -31.88
C ARG B 433 -5.46 -2.89 -31.07
N ILE B 434 -4.30 -3.39 -31.49
CA ILE B 434 -3.02 -3.09 -30.86
C ILE B 434 -2.20 -2.29 -31.85
N SER B 435 -1.78 -1.10 -31.44
CA SER B 435 -0.98 -0.20 -32.27
C SER B 435 0.41 -0.07 -31.70
N VAL B 436 1.41 -0.03 -32.59
CA VAL B 436 2.81 0.12 -32.21
C VAL B 436 3.38 1.29 -33.02
N GLY B 437 3.74 2.37 -32.33
CA GLY B 437 4.30 3.53 -32.96
C GLY B 437 5.82 3.54 -32.87
N TYR B 438 6.46 3.65 -34.03
CA TYR B 438 7.91 3.63 -34.13
C TYR B 438 8.37 4.74 -35.05
N SER B 439 9.68 5.00 -35.03
CA SER B 439 10.31 5.97 -35.91
C SER B 439 10.94 5.25 -37.09
N ARG B 440 10.59 5.68 -38.30
CA ARG B 440 11.14 5.05 -39.49
C ARG B 440 12.64 5.29 -39.64
N LEU B 441 13.19 6.25 -38.90
CA LEU B 441 14.64 6.47 -38.88
C LEU B 441 15.36 5.52 -37.93
N GLN B 442 14.63 4.65 -37.23
CA GLN B 442 15.23 3.67 -36.33
C GLN B 442 14.83 2.23 -36.63
N TYR B 443 13.69 2.01 -37.29
CA TYR B 443 13.21 0.67 -37.59
C TYR B 443 12.62 0.64 -38.99
N GLU B 444 12.75 -0.51 -39.64
CA GLU B 444 12.04 -0.79 -40.87
C GLU B 444 10.72 -1.49 -40.55
N GLU B 445 9.78 -1.39 -41.49
CA GLU B 445 8.45 -1.96 -41.25
C GLU B 445 8.51 -3.46 -41.04
N LYS B 446 9.45 -4.14 -41.68
CA LYS B 446 9.56 -5.59 -41.51
C LYS B 446 10.01 -5.96 -40.10
N THR B 447 10.73 -5.07 -39.43
CA THR B 447 11.20 -5.36 -38.07
C THR B 447 10.07 -5.24 -37.06
N ILE B 448 9.30 -4.15 -37.15
CA ILE B 448 8.15 -3.98 -36.25
C ILE B 448 7.07 -5.01 -36.57
N ALA B 449 6.95 -5.41 -37.84
CA ALA B 449 5.97 -6.43 -38.20
C ALA B 449 6.26 -7.76 -37.51
N SER B 450 7.53 -8.05 -37.24
CA SER B 450 7.88 -9.28 -36.53
C SER B 450 7.45 -9.20 -35.07
N LEU B 451 7.68 -8.05 -34.43
CA LEU B 451 7.32 -7.91 -33.02
C LEU B 451 5.81 -7.99 -32.82
N ALA B 452 5.04 -7.36 -33.72
CA ALA B 452 3.59 -7.37 -33.58
C ALA B 452 3.00 -8.73 -33.93
N ASP B 453 3.63 -9.47 -34.84
CA ASP B 453 3.14 -10.80 -35.18
C ASP B 453 3.39 -11.78 -34.04
N SER B 454 4.56 -11.69 -33.39
CA SER B 454 4.81 -12.51 -32.22
C SER B 454 3.91 -12.12 -31.06
N TYR B 455 3.54 -10.84 -30.97
CA TYR B 455 2.65 -10.40 -29.91
C TYR B 455 1.22 -10.86 -30.15
N ARG B 456 0.81 -10.95 -31.41
CA ARG B 456 -0.55 -11.39 -31.72
C ARG B 456 -0.74 -12.87 -31.42
N LYS B 457 0.26 -13.69 -31.74
CA LYS B 457 0.12 -15.13 -31.53
C LYS B 457 0.31 -15.51 -30.07
N HIS B 458 1.20 -14.82 -29.36
CA HIS B 458 1.35 -15.07 -27.93
C HIS B 458 0.10 -14.64 -27.17
N LEU B 459 -0.60 -13.61 -27.66
CA LEU B 459 -1.86 -13.20 -27.03
C LEU B 459 -2.95 -14.22 -27.30
N LEU B 460 -3.07 -14.68 -28.54
CA LEU B 460 -4.06 -15.71 -28.86
C LEU B 460 -3.69 -17.04 -28.24
N GLY B 461 -2.40 -17.28 -27.99
CA GLY B 461 -2.01 -18.48 -27.27
C GLY B 461 -2.40 -18.44 -25.80
N ILE B 462 -2.53 -17.24 -25.24
CA ILE B 462 -2.99 -17.09 -23.86
C ILE B 462 -4.51 -17.19 -23.80
N ILE B 463 -5.21 -16.62 -24.79
CA ILE B 463 -6.66 -16.73 -24.83
C ILE B 463 -7.08 -18.19 -24.95
N GLU B 464 -6.42 -18.94 -25.83
CA GLU B 464 -6.74 -20.35 -25.99
C GLU B 464 -6.35 -21.15 -24.75
N HIS B 465 -5.25 -20.77 -24.08
CA HIS B 465 -4.83 -21.50 -22.89
C HIS B 465 -5.78 -21.26 -21.72
N CYS B 466 -6.24 -20.03 -21.55
CA CYS B 466 -7.13 -19.73 -20.43
C CYS B 466 -8.52 -20.30 -20.64
N MET B 467 -8.96 -20.43 -21.89
CA MET B 467 -10.25 -21.06 -22.14
C MET B 467 -10.21 -22.56 -21.86
N ALA B 468 -9.06 -23.20 -22.08
CA ALA B 468 -8.93 -24.62 -21.79
C ALA B 468 -8.90 -24.88 -20.29
N LYS B 469 -8.37 -23.94 -19.51
CA LYS B 469 -8.30 -24.11 -18.06
C LYS B 469 -9.67 -24.17 -17.40
N GLU B 470 -10.69 -23.60 -18.04
CA GLU B 470 -12.03 -23.60 -17.45
C GLU B 470 -12.83 -24.86 -17.78
N GLU B 471 -12.49 -25.52 -18.89
CA GLU B 471 -13.03 -26.83 -19.28
C GLU B 471 -14.49 -27.07 -18.89
#